data_3P8H
#
_entry.id   3P8H
#
_cell.length_a   106.264
_cell.length_b   106.264
_cell.length_c   90.144
_cell.angle_alpha   90.000
_cell.angle_beta   90.000
_cell.angle_gamma   120.000
#
_symmetry.space_group_name_H-M   'P 32'
#
loop_
_entity.id
_entity.type
_entity.pdbx_description
1 polymer 'Lethal(3)malignant brain tumor-like protein'
2 non-polymer 3-bromo-5-[(4-pyrrolidin-1-ylpiperidin-1-yl)carbonyl]pyridine
3 non-polymer 'SULFATE ION'
4 non-polymer GLYCEROL
5 water water
#
_entity_poly.entity_id   1
_entity_poly.type   'polypeptide(L)'
_entity_poly.pdbx_seq_one_letter_code
;GEKKECWSWESYLEEQKAITAPVSLFQDSQAVTHNKNGFKLGMKLEGIDPQHPSMYFILTVAEVCGYRLRLHFDGYSECH
DFWVNANSPDIHPAGWFEKTGHKLQPPKGYKEEEFSWSQYLRSTRAQAAPKHLFVSQSHSPPPLGFQVGMKLEAVDRMNP
SLVCVASVTDVVDSRFLVHFDNWDDTYDYWCDPSSPYIHPVGWCQKQGKPLTPPQDYPDPDNFCWEKYLEETGASAVPTW
AFKVRPPHSFLVNMKLEAVDRRNPALIRVASVEDVEDHRIKIHFDGWSHGYDFWIDADHPDIHPAGWCSKTGHPLQPPLG
PRE
;
_entity_poly.pdbx_strand_id   A,B,C
#
# COMPACT_ATOMS: atom_id res chain seq x y z
N TRP A 7 -6.15 3.98 -53.63
CA TRP A 7 -7.01 4.93 -52.86
C TRP A 7 -6.42 6.32 -52.88
N SER A 8 -7.27 7.29 -53.19
CA SER A 8 -6.85 8.68 -53.23
C SER A 8 -7.93 9.58 -52.64
N TRP A 9 -7.50 10.70 -52.07
CA TRP A 9 -8.40 11.75 -51.59
C TRP A 9 -9.30 12.29 -52.70
N GLU A 10 -8.70 12.47 -53.88
CA GLU A 10 -9.39 13.04 -55.04
C GLU A 10 -10.67 12.27 -55.42
N SER A 11 -10.53 11.01 -55.85
CA SER A 11 -11.70 10.21 -56.24
C SER A 11 -12.68 9.94 -55.10
N TYR A 12 -12.17 9.82 -53.87
CA TYR A 12 -13.03 9.65 -52.71
C TYR A 12 -13.93 10.87 -52.53
N LEU A 13 -13.38 12.07 -52.72
CA LEU A 13 -14.17 13.29 -52.59
C LEU A 13 -15.20 13.37 -53.70
N GLU A 14 -14.76 13.12 -54.93
CA GLU A 14 -15.65 13.05 -56.09
C GLU A 14 -16.91 12.25 -55.76
N GLU A 15 -16.74 10.98 -55.42
CA GLU A 15 -17.87 10.09 -55.17
C GLU A 15 -18.70 10.43 -53.92
N GLN A 16 -18.09 11.06 -52.91
CA GLN A 16 -18.83 11.42 -51.69
C GLN A 16 -19.52 12.78 -51.80
N LYS A 17 -19.18 13.53 -52.86
CA LYS A 17 -19.57 14.93 -52.98
C LYS A 17 -19.25 15.65 -51.67
N ALA A 18 -17.99 15.56 -51.27
CA ALA A 18 -17.52 16.13 -50.02
C ALA A 18 -16.36 17.09 -50.28
N ILE A 19 -16.01 17.88 -49.27
CA ILE A 19 -14.92 18.84 -49.43
C ILE A 19 -13.91 18.58 -48.31
N THR A 20 -12.67 18.98 -48.50
CA THR A 20 -11.77 18.89 -47.37
C THR A 20 -11.70 20.22 -46.68
N ALA A 21 -11.43 20.20 -45.39
CA ALA A 21 -11.06 21.43 -44.67
C ALA A 21 -9.86 22.08 -45.37
N PRO A 22 -9.98 23.36 -45.74
CA PRO A 22 -8.80 24.04 -46.30
C PRO A 22 -7.61 24.08 -45.33
N VAL A 23 -6.40 23.96 -45.87
CA VAL A 23 -5.16 24.22 -45.12
C VAL A 23 -5.26 25.51 -44.25
N SER A 24 -5.84 26.56 -44.81
CA SER A 24 -5.99 27.83 -44.09
C SER A 24 -6.79 27.78 -42.76
N LEU A 25 -7.55 26.72 -42.52
CA LEU A 25 -8.31 26.60 -41.26
C LEU A 25 -7.46 26.08 -40.13
N PHE A 26 -6.26 25.59 -40.45
CA PHE A 26 -5.32 25.06 -39.47
C PHE A 26 -4.23 26.07 -39.10
N GLN A 27 -3.63 25.89 -37.92
CA GLN A 27 -2.40 26.58 -37.55
C GLN A 27 -1.28 26.11 -38.47
N ASP A 28 -0.22 26.89 -38.63
CA ASP A 28 0.89 26.47 -39.52
C ASP A 28 1.56 25.18 -39.04
N SER A 29 1.64 25.00 -37.71
CA SER A 29 2.30 23.83 -37.16
C SER A 29 1.50 22.52 -37.36
N GLN A 30 0.18 22.62 -37.47
CA GLN A 30 -0.67 21.48 -37.80
C GLN A 30 -0.55 21.08 -39.27
N ALA A 31 -0.27 22.06 -40.12
CA ALA A 31 -0.39 21.90 -41.55
C ALA A 31 0.95 21.70 -42.26
N VAL A 32 2.04 22.12 -41.63
CA VAL A 32 3.32 22.20 -42.32
C VAL A 32 3.89 20.83 -42.69
N THR A 33 4.24 20.66 -43.96
CA THR A 33 4.72 19.37 -44.48
C THR A 33 6.14 19.39 -45.03
N HIS A 34 6.69 20.54 -45.36
CA HIS A 34 8.02 20.58 -46.02
C HIS A 34 9.20 20.44 -45.04
N ASN A 35 8.93 20.48 -43.74
CA ASN A 35 9.96 20.28 -42.73
C ASN A 35 10.37 18.82 -42.70
N LYS A 36 11.66 18.58 -42.81
CA LYS A 36 12.20 17.23 -42.69
C LYS A 36 12.24 16.81 -41.21
N ASN A 37 12.12 15.51 -40.96
CA ASN A 37 12.22 14.95 -39.62
C ASN A 37 13.65 14.44 -39.40
N GLY A 38 14.37 15.06 -38.48
CA GLY A 38 15.76 14.78 -38.24
C GLY A 38 15.97 13.88 -37.04
N PHE A 39 14.88 13.42 -36.44
CA PHE A 39 15.02 12.53 -35.30
C PHE A 39 15.35 11.14 -35.82
N LYS A 40 16.40 10.55 -35.27
CA LYS A 40 16.83 9.22 -35.71
C LYS A 40 16.72 8.23 -34.56
N LEU A 41 16.51 6.96 -34.88
CA LEU A 41 16.37 5.90 -33.87
C LEU A 41 17.51 5.91 -32.83
N GLY A 42 17.16 5.73 -31.56
CA GLY A 42 18.15 5.67 -30.50
C GLY A 42 18.52 7.00 -29.88
N MET A 43 18.12 8.10 -30.50
CA MET A 43 18.44 9.40 -29.94
C MET A 43 17.70 9.59 -28.62
N LYS A 44 18.38 10.21 -27.67
CA LYS A 44 17.83 10.47 -26.38
C LYS A 44 17.51 11.96 -26.22
N LEU A 45 16.43 12.28 -25.52
CA LEU A 45 16.01 13.68 -25.28
C LEU A 45 15.22 13.74 -23.97
N GLU A 46 14.58 14.89 -23.69
CA GLU A 46 13.72 15.07 -22.50
C GLU A 46 12.33 15.41 -22.96
N GLY A 47 11.30 14.98 -22.22
CA GLY A 47 9.93 15.36 -22.56
C GLY A 47 8.92 15.20 -21.43
N ILE A 48 7.81 15.94 -21.53
CA ILE A 48 6.70 15.77 -20.60
C ILE A 48 6.05 14.40 -20.76
N ASP A 49 5.61 13.84 -19.65
CA ASP A 49 4.76 12.66 -19.67
C ASP A 49 3.35 13.11 -20.03
N PRO A 50 2.77 12.57 -21.11
CA PRO A 50 1.38 12.96 -21.47
C PRO A 50 0.36 12.77 -20.34
N GLN A 51 0.58 11.75 -19.51
CA GLN A 51 -0.30 11.45 -18.38
C GLN A 51 0.02 12.30 -17.15
N HIS A 52 1.18 12.96 -17.18
CA HIS A 52 1.59 13.84 -16.09
C HIS A 52 2.27 15.07 -16.69
N PRO A 53 1.47 16.03 -17.19
CA PRO A 53 1.97 17.14 -18.02
C PRO A 53 2.91 18.11 -17.32
N SER A 54 3.05 17.98 -16.00
CA SER A 54 4.01 18.79 -15.25
C SER A 54 5.36 18.10 -15.05
N MET A 55 5.52 16.88 -15.57
CA MET A 55 6.68 16.08 -15.23
C MET A 55 7.52 15.77 -16.45
N TYR A 56 8.84 15.67 -16.28
CA TYR A 56 9.76 15.48 -17.39
C TYR A 56 10.66 14.24 -17.21
N PHE A 57 10.82 13.46 -18.29
CA PHE A 57 11.51 12.16 -18.24
C PHE A 57 12.59 12.04 -19.30
N ILE A 58 13.49 11.08 -19.11
CA ILE A 58 14.42 10.68 -20.16
C ILE A 58 13.69 9.82 -21.18
N LEU A 59 13.81 10.17 -22.45
CA LEU A 59 13.09 9.48 -23.50
C LEU A 59 14.00 9.10 -24.65
N THR A 60 13.71 7.98 -25.27
CA THR A 60 14.46 7.55 -26.45
C THR A 60 13.51 7.41 -27.63
N VAL A 61 13.94 7.89 -28.79
CA VAL A 61 13.26 7.63 -30.05
C VAL A 61 13.23 6.11 -30.29
N ALA A 62 12.03 5.53 -30.29
CA ALA A 62 11.88 4.10 -30.59
C ALA A 62 11.51 3.81 -32.04
N GLU A 63 10.75 4.72 -32.65
CA GLU A 63 10.31 4.59 -34.03
C GLU A 63 10.12 5.97 -34.62
N VAL A 64 10.36 6.12 -35.91
CA VAL A 64 10.08 7.34 -36.62
C VAL A 64 9.20 6.98 -37.79
N CYS A 65 8.07 7.68 -37.93
CA CYS A 65 7.19 7.53 -39.11
C CYS A 65 6.75 8.88 -39.68
N GLY A 66 7.19 9.20 -40.89
CA GLY A 66 6.84 10.47 -41.51
C GLY A 66 7.33 11.65 -40.68
N TYR A 67 6.45 12.60 -40.37
CA TYR A 67 6.82 13.75 -39.51
C TYR A 67 6.60 13.44 -38.02
N ARG A 68 6.34 12.17 -37.72
CA ARG A 68 6.07 11.74 -36.34
C ARG A 68 7.17 10.83 -35.81
N LEU A 69 7.23 10.72 -34.48
CA LEU A 69 8.16 9.82 -33.80
C LEU A 69 7.54 9.19 -32.55
N ARG A 70 7.91 7.94 -32.25
CA ARG A 70 7.43 7.26 -31.07
C ARG A 70 8.50 7.30 -30.00
N LEU A 71 8.12 7.74 -28.80
CA LEU A 71 9.06 7.88 -27.70
C LEU A 71 8.84 6.85 -26.59
N HIS A 72 9.93 6.48 -25.96
CA HIS A 72 9.93 5.42 -24.99
C HIS A 72 10.54 5.97 -23.69
N PHE A 73 9.93 5.62 -22.56
CA PHE A 73 10.45 6.00 -21.24
C PHE A 73 11.55 5.05 -20.81
N ASP A 74 12.80 5.43 -21.09
CA ASP A 74 14.00 4.71 -20.61
C ASP A 74 13.77 4.02 -19.27
N GLY A 75 13.99 2.71 -19.24
CA GLY A 75 13.87 1.96 -17.99
C GLY A 75 12.47 1.46 -17.68
N TYR A 76 11.46 2.08 -18.27
CA TYR A 76 10.08 1.62 -18.05
C TYR A 76 9.63 0.70 -19.18
N SER A 77 8.38 0.25 -19.09
CA SER A 77 7.83 -0.70 -20.05
C SER A 77 7.47 -0.04 -21.39
N GLU A 78 7.63 -0.78 -22.48
CA GLU A 78 7.30 -0.28 -23.83
C GLU A 78 5.83 0.05 -24.02
N CYS A 79 4.98 -0.43 -23.11
CA CYS A 79 3.54 -0.20 -23.20
C CYS A 79 3.12 1.24 -22.87
N HIS A 80 4.08 2.04 -22.39
CA HIS A 80 3.86 3.47 -22.15
C HIS A 80 4.27 4.38 -23.30
N ASP A 81 4.95 3.84 -24.30
CA ASP A 81 5.37 4.61 -25.48
C ASP A 81 4.27 5.50 -26.04
N PHE A 82 4.63 6.67 -26.54
CA PHE A 82 3.63 7.60 -27.12
C PHE A 82 4.20 8.32 -28.35
N TRP A 83 3.32 8.91 -29.14
CA TRP A 83 3.69 9.55 -30.39
C TRP A 83 3.60 11.06 -30.26
N VAL A 84 4.62 11.75 -30.78
CA VAL A 84 4.52 13.18 -31.01
C VAL A 84 5.03 13.50 -32.40
N ASN A 85 4.75 14.73 -32.83
CA ASN A 85 5.25 15.25 -34.09
C ASN A 85 6.65 15.83 -33.91
N ALA A 86 7.44 15.82 -34.98
CA ALA A 86 8.79 16.38 -34.94
C ALA A 86 8.83 17.83 -34.50
N ASN A 87 7.73 18.57 -34.63
CA ASN A 87 7.66 19.95 -34.15
C ASN A 87 6.88 20.16 -32.83
N SER A 88 6.71 19.10 -32.04
CA SER A 88 6.11 19.19 -30.71
C SER A 88 6.94 20.08 -29.79
N PRO A 89 6.26 20.95 -29.03
CA PRO A 89 6.95 21.80 -28.04
C PRO A 89 7.09 21.11 -26.69
N ASP A 90 6.67 19.85 -26.61
CA ASP A 90 6.66 19.10 -25.37
C ASP A 90 7.90 18.20 -25.22
N ILE A 91 8.89 18.44 -26.05
CA ILE A 91 10.14 17.70 -25.97
C ILE A 91 11.27 18.72 -25.98
N HIS A 92 12.37 18.38 -25.31
CA HIS A 92 13.52 19.27 -25.14
C HIS A 92 14.88 18.55 -25.26
N PRO A 93 15.93 19.28 -25.67
CA PRO A 93 17.28 18.67 -25.75
C PRO A 93 17.86 18.24 -24.39
N ALA A 94 18.60 17.14 -24.37
CA ALA A 94 19.35 16.76 -23.19
C ALA A 94 20.02 17.98 -22.55
N GLY A 95 19.83 18.14 -21.26
CA GLY A 95 20.44 19.25 -20.53
C GLY A 95 19.47 20.37 -20.23
N TRP A 96 18.32 20.38 -20.90
CA TRP A 96 17.37 21.50 -20.78
C TRP A 96 16.78 21.67 -19.37
N PHE A 97 16.46 20.54 -18.74
CA PHE A 97 15.83 20.57 -17.44
C PHE A 97 16.66 21.43 -16.46
N GLU A 98 17.95 21.18 -16.41
CA GLU A 98 18.81 21.82 -15.42
C GLU A 98 19.14 23.28 -15.78
N LYS A 99 18.89 23.65 -17.03
CA LYS A 99 19.11 25.03 -17.49
C LYS A 99 17.91 25.93 -17.30
N THR A 100 16.74 25.34 -17.10
CA THR A 100 15.49 26.12 -17.15
C THR A 100 14.65 25.99 -15.89
N GLY A 101 15.12 25.17 -14.96
CA GLY A 101 14.53 25.03 -13.64
C GLY A 101 13.46 23.97 -13.53
N HIS A 102 13.64 22.85 -14.23
CA HIS A 102 12.63 21.80 -14.20
C HIS A 102 13.24 20.56 -13.57
N LYS A 103 12.41 19.79 -12.87
CA LYS A 103 12.86 18.54 -12.29
C LYS A 103 12.80 17.45 -13.36
N LEU A 104 13.80 16.58 -13.34
CA LEU A 104 13.85 15.44 -14.21
C LEU A 104 13.69 14.18 -13.38
N GLN A 105 12.70 13.36 -13.71
CA GLN A 105 12.62 12.01 -13.13
C GLN A 105 13.63 11.16 -13.88
N PRO A 106 14.52 10.48 -13.18
CA PRO A 106 15.55 9.70 -13.86
C PRO A 106 14.97 8.36 -14.30
N PRO A 107 15.69 7.61 -15.15
CA PRO A 107 15.31 6.24 -15.51
C PRO A 107 15.02 5.35 -14.30
N LYS A 108 14.02 4.46 -14.43
CA LYS A 108 13.68 3.47 -13.41
C LYS A 108 14.94 2.84 -12.81
N GLY A 109 15.03 2.86 -11.48
CA GLY A 109 16.22 2.38 -10.77
C GLY A 109 17.18 3.44 -10.25
N TYR A 110 17.32 4.55 -10.98
CA TYR A 110 18.15 5.69 -10.54
C TYR A 110 17.48 6.57 -9.47
N LYS A 111 18.29 7.27 -8.66
CA LYS A 111 17.78 8.34 -7.80
C LYS A 111 18.06 9.72 -8.43
N GLU A 112 17.20 10.70 -8.16
CA GLU A 112 17.32 12.05 -8.74
C GLU A 112 18.61 12.79 -8.34
N GLU A 113 19.32 12.23 -7.35
CA GLU A 113 20.65 12.70 -6.96
C GLU A 113 21.71 11.69 -7.40
N GLU A 114 21.56 11.19 -8.63
CA GLU A 114 22.47 10.21 -9.21
C GLU A 114 22.47 10.28 -10.74
N PHE A 115 21.74 11.24 -11.31
CA PHE A 115 21.67 11.35 -12.76
C PHE A 115 22.52 12.45 -13.37
N SER A 116 23.28 12.04 -14.38
CA SER A 116 24.13 12.93 -15.13
C SER A 116 24.06 12.50 -16.60
N TRP A 117 23.62 13.40 -17.48
CA TRP A 117 23.60 13.12 -18.90
C TRP A 117 24.93 12.54 -19.41
N SER A 118 26.03 13.24 -19.16
CA SER A 118 27.32 12.78 -19.68
C SER A 118 27.61 11.36 -19.20
N GLN A 119 27.32 11.08 -17.93
CA GLN A 119 27.52 9.75 -17.39
C GLN A 119 26.61 8.72 -18.09
N TYR A 120 25.34 9.08 -18.26
CA TYR A 120 24.34 8.21 -18.85
C TYR A 120 24.57 7.92 -20.34
N LEU A 121 25.08 8.92 -21.04
CA LEU A 121 25.45 8.76 -22.43
C LEU A 121 26.64 7.82 -22.59
N ARG A 122 27.54 7.80 -21.60
CA ARG A 122 28.66 6.86 -21.59
C ARG A 122 28.18 5.43 -21.31
N SER A 123 27.34 5.26 -20.30
CA SER A 123 26.80 3.95 -19.95
C SER A 123 25.98 3.28 -21.07
N THR A 124 25.23 4.08 -21.81
CA THR A 124 24.32 3.57 -22.83
C THR A 124 24.94 3.61 -24.21
N ARG A 125 26.13 4.21 -24.31
CA ARG A 125 26.81 4.49 -25.59
C ARG A 125 25.94 5.28 -26.55
N ALA A 126 25.01 6.07 -26.02
CA ALA A 126 23.98 6.66 -26.87
C ALA A 126 24.29 8.09 -27.30
N GLN A 127 23.49 8.59 -28.25
CA GLN A 127 23.63 9.94 -28.77
C GLN A 127 22.43 10.82 -28.32
N ALA A 128 22.73 12.04 -27.88
CA ALA A 128 21.66 13.00 -27.55
C ALA A 128 21.10 13.56 -28.84
N ALA A 129 19.78 13.68 -28.91
CA ALA A 129 19.15 14.39 -30.02
C ALA A 129 19.73 15.80 -30.10
N PRO A 130 20.25 16.20 -31.27
CA PRO A 130 20.84 17.53 -31.46
C PRO A 130 19.87 18.65 -31.06
N LYS A 131 20.42 19.77 -30.59
CA LYS A 131 19.61 20.91 -30.14
C LYS A 131 18.71 21.47 -31.25
N HIS A 132 19.29 21.68 -32.42
CA HIS A 132 18.59 22.39 -33.51
C HIS A 132 17.24 21.77 -33.97
N LEU A 133 16.94 20.54 -33.57
CA LEU A 133 15.70 19.85 -33.98
C LEU A 133 14.45 20.26 -33.24
N PHE A 134 14.60 20.96 -32.11
CA PHE A 134 13.51 21.25 -31.18
C PHE A 134 12.97 22.65 -31.34
N VAL A 135 11.66 22.77 -31.59
CA VAL A 135 11.05 24.10 -31.66
C VAL A 135 11.07 24.84 -30.31
N SER A 136 11.20 24.10 -29.21
CA SER A 136 11.04 24.68 -27.87
C SER A 136 12.23 24.43 -26.93
N GLN A 137 12.93 25.49 -26.58
CA GLN A 137 14.08 25.37 -25.68
C GLN A 137 14.10 26.41 -24.57
N SER A 138 12.98 27.11 -24.38
CA SER A 138 12.89 28.24 -23.45
C SER A 138 13.78 29.42 -23.85
N HIS A 139 13.89 29.69 -25.16
CA HIS A 139 14.64 30.84 -25.66
C HIS A 139 13.75 31.95 -26.27
N SER A 140 12.52 31.61 -26.67
CA SER A 140 11.64 32.60 -27.30
C SER A 140 10.87 33.41 -26.26
N PRO A 141 10.27 34.55 -26.66
CA PRO A 141 9.51 35.42 -25.73
C PRO A 141 8.42 34.69 -24.93
N PRO A 142 8.45 34.85 -23.59
CA PRO A 142 7.47 34.27 -22.66
C PRO A 142 6.04 34.81 -22.93
N PRO A 143 5.00 34.14 -22.39
CA PRO A 143 3.67 34.67 -22.62
C PRO A 143 3.41 35.87 -21.70
N LEU A 144 3.24 37.04 -22.31
CA LEU A 144 3.16 38.30 -21.58
C LEU A 144 2.14 38.23 -20.45
N GLY A 145 2.58 38.61 -19.25
CA GLY A 145 1.71 38.75 -18.09
C GLY A 145 1.65 37.55 -17.16
N PHE A 146 1.96 36.35 -17.68
CA PHE A 146 1.78 35.12 -16.92
C PHE A 146 3.09 34.64 -16.27
N GLN A 147 3.20 34.87 -14.97
CA GLN A 147 4.38 34.46 -14.20
C GLN A 147 4.08 33.24 -13.36
N VAL A 148 5.06 32.34 -13.27
CA VAL A 148 5.06 31.27 -12.27
C VAL A 148 4.73 31.90 -10.91
N GLY A 149 3.76 31.31 -10.22
CA GLY A 149 3.27 31.83 -8.95
C GLY A 149 1.91 32.52 -9.01
N MET A 150 1.59 33.16 -10.13
CA MET A 150 0.32 33.88 -10.27
C MET A 150 -0.89 32.96 -10.35
N LYS A 151 -2.04 33.51 -9.98
CA LYS A 151 -3.26 32.72 -9.88
C LYS A 151 -4.37 33.23 -10.79
N LEU A 152 -5.29 32.33 -11.13
CA LEU A 152 -6.33 32.59 -12.12
C LEU A 152 -7.44 31.55 -11.92
N GLU A 153 -8.48 31.66 -12.74
CA GLU A 153 -9.60 30.72 -12.71
C GLU A 153 -9.55 29.91 -13.99
N ALA A 154 -9.63 28.59 -13.88
CA ALA A 154 -9.59 27.75 -15.07
C ALA A 154 -10.61 26.65 -15.07
N VAL A 155 -11.11 26.35 -16.27
CA VAL A 155 -11.96 25.20 -16.52
C VAL A 155 -11.20 23.90 -16.21
N ASP A 156 -11.80 23.02 -15.42
CA ASP A 156 -11.24 21.69 -15.25
C ASP A 156 -11.57 20.88 -16.50
N ARG A 157 -10.63 20.71 -17.40
CA ARG A 157 -10.93 20.03 -18.67
C ARG A 157 -11.38 18.57 -18.50
N MET A 158 -11.10 17.99 -17.34
CA MET A 158 -11.60 16.67 -17.00
C MET A 158 -13.06 16.73 -16.59
N ASN A 159 -13.46 17.80 -15.92
CA ASN A 159 -14.84 18.01 -15.51
C ASN A 159 -15.36 19.38 -15.96
N PRO A 160 -15.52 19.53 -17.30
CA PRO A 160 -15.55 20.86 -17.94
C PRO A 160 -16.68 21.79 -17.51
N SER A 161 -17.59 21.30 -16.68
CA SER A 161 -18.64 22.16 -16.16
C SER A 161 -18.12 23.05 -15.01
N LEU A 162 -16.94 22.70 -14.48
CA LEU A 162 -16.36 23.41 -13.33
C LEU A 162 -15.34 24.48 -13.71
N VAL A 163 -15.37 25.61 -13.01
CA VAL A 163 -14.27 26.56 -13.12
C VAL A 163 -13.61 26.69 -11.76
N CYS A 164 -12.28 26.56 -11.75
CA CYS A 164 -11.55 26.35 -10.50
C CYS A 164 -10.39 27.29 -10.22
N VAL A 165 -10.02 27.34 -8.93
CA VAL A 165 -8.87 28.07 -8.47
C VAL A 165 -7.64 27.36 -9.03
N ALA A 166 -6.83 28.12 -9.77
CA ALA A 166 -5.67 27.53 -10.44
C ALA A 166 -4.45 28.46 -10.38
N SER A 167 -3.27 27.88 -10.58
CA SER A 167 -2.01 28.63 -10.59
C SER A 167 -1.18 28.31 -11.83
N VAL A 168 -0.41 29.30 -12.29
CA VAL A 168 0.63 29.09 -13.27
C VAL A 168 1.80 28.43 -12.54
N THR A 169 2.14 27.18 -12.86
CA THR A 169 3.28 26.55 -12.19
C THR A 169 4.52 26.37 -13.07
N ASP A 170 4.40 26.60 -14.37
CA ASP A 170 5.54 26.45 -15.27
C ASP A 170 5.39 27.43 -16.43
N VAL A 171 6.52 27.92 -16.96
CA VAL A 171 6.55 28.76 -18.18
C VAL A 171 7.62 28.24 -19.13
N VAL A 172 7.22 27.89 -20.35
CA VAL A 172 8.14 27.34 -21.35
C VAL A 172 7.82 27.98 -22.70
N ASP A 173 8.74 28.79 -23.19
CA ASP A 173 8.56 29.55 -24.42
C ASP A 173 7.24 30.29 -24.42
N SER A 174 6.42 30.06 -25.44
CA SER A 174 5.21 30.88 -25.59
C SER A 174 4.05 30.37 -24.72
N ARG A 175 4.24 29.24 -24.05
CA ARG A 175 3.17 28.68 -23.22
C ARG A 175 3.45 28.66 -21.71
N PHE A 176 2.41 28.34 -20.94
CA PHE A 176 2.51 28.17 -19.50
C PHE A 176 1.61 27.02 -19.07
N LEU A 177 1.85 26.53 -17.85
CA LEU A 177 1.16 25.38 -17.32
C LEU A 177 0.17 25.82 -16.27
N VAL A 178 -1.06 25.36 -16.44
CA VAL A 178 -2.14 25.68 -15.52
C VAL A 178 -2.28 24.48 -14.60
N HIS A 179 -2.09 24.71 -13.30
CA HIS A 179 -2.23 23.70 -12.26
C HIS A 179 -3.35 24.06 -11.27
N PHE A 180 -4.14 23.06 -10.88
CA PHE A 180 -5.29 23.29 -9.96
C PHE A 180 -4.95 23.07 -8.49
N ASP A 181 -4.89 24.18 -7.77
CA ASP A 181 -4.42 24.19 -6.41
C ASP A 181 -4.85 22.97 -5.61
N ASN A 182 -3.85 22.18 -5.18
CA ASN A 182 -4.02 21.07 -4.23
C ASN A 182 -4.75 19.84 -4.75
N TRP A 183 -4.97 19.79 -6.06
CA TRP A 183 -5.47 18.61 -6.73
C TRP A 183 -4.25 17.95 -7.40
N ASP A 184 -4.42 16.75 -7.92
CA ASP A 184 -3.29 16.05 -8.54
C ASP A 184 -2.84 16.75 -9.85
N ASP A 185 -1.57 16.54 -10.17
CA ASP A 185 -0.97 17.10 -11.37
C ASP A 185 -1.60 16.51 -12.65
N THR A 186 -2.33 15.40 -12.53
CA THR A 186 -2.98 14.79 -13.69
C THR A 186 -4.04 15.68 -14.33
N TYR A 187 -4.44 16.73 -13.61
CA TYR A 187 -5.40 17.70 -14.08
C TYR A 187 -4.75 18.91 -14.75
N ASP A 188 -3.43 19.07 -14.59
CA ASP A 188 -2.73 20.22 -15.17
C ASP A 188 -2.81 20.15 -16.69
N TYR A 189 -2.89 21.31 -17.33
CA TYR A 189 -2.75 21.37 -18.79
C TYR A 189 -1.99 22.61 -19.25
N TRP A 190 -1.36 22.52 -20.41
CA TRP A 190 -0.57 23.62 -20.97
C TRP A 190 -1.45 24.53 -21.82
N CYS A 191 -1.19 25.83 -21.76
CA CYS A 191 -1.86 26.73 -22.69
C CYS A 191 -1.12 28.04 -22.86
N ASP A 192 -1.81 29.00 -23.48
CA ASP A 192 -1.24 30.30 -23.83
C ASP A 192 -2.28 31.40 -23.53
N PRO A 193 -1.87 32.69 -23.64
CA PRO A 193 -2.75 33.81 -23.34
C PRO A 193 -4.16 33.76 -23.94
N SER A 194 -4.33 33.07 -25.06
CA SER A 194 -5.61 33.07 -25.75
C SER A 194 -6.52 31.89 -25.38
N SER A 195 -6.01 30.96 -24.59
CA SER A 195 -6.79 29.79 -24.21
C SER A 195 -8.22 30.18 -23.86
N PRO A 196 -9.21 29.47 -24.42
CA PRO A 196 -10.60 29.69 -24.08
C PRO A 196 -10.99 29.17 -22.70
N TYR A 197 -10.10 28.41 -22.06
CA TYR A 197 -10.42 27.76 -20.77
C TYR A 197 -9.95 28.50 -19.51
N ILE A 198 -9.30 29.65 -19.69
CA ILE A 198 -8.72 30.42 -18.58
C ILE A 198 -9.37 31.80 -18.41
N HIS A 199 -9.43 32.28 -17.16
CA HIS A 199 -10.11 33.52 -16.85
C HIS A 199 -9.38 34.20 -15.71
N PRO A 200 -9.42 35.54 -15.67
CA PRO A 200 -8.89 36.30 -14.54
C PRO A 200 -9.56 35.93 -13.21
N VAL A 201 -8.84 36.15 -12.11
CA VAL A 201 -9.44 36.11 -10.78
C VAL A 201 -10.64 37.06 -10.84
N GLY A 202 -11.79 36.61 -10.31
CA GLY A 202 -13.00 37.43 -10.26
C GLY A 202 -14.10 37.02 -11.25
N TRP A 203 -13.69 36.47 -12.39
CA TRP A 203 -14.58 36.05 -13.47
C TRP A 203 -15.84 35.27 -13.09
N CYS A 204 -15.69 34.22 -12.30
CA CYS A 204 -16.84 33.43 -11.87
C CYS A 204 -17.91 34.29 -11.19
N GLN A 205 -17.45 35.27 -10.43
CA GLN A 205 -18.33 36.14 -9.67
C GLN A 205 -19.07 37.14 -10.58
N LYS A 206 -18.39 37.69 -11.58
CA LYS A 206 -19.01 38.64 -12.52
C LYS A 206 -19.98 37.95 -13.48
N GLN A 207 -19.82 36.64 -13.61
CA GLN A 207 -20.59 35.86 -14.58
C GLN A 207 -21.77 35.17 -13.93
N GLY A 208 -21.81 35.18 -12.59
CA GLY A 208 -22.82 34.45 -11.84
C GLY A 208 -22.44 33.01 -11.55
N LYS A 209 -21.35 32.54 -12.16
CA LYS A 209 -20.94 31.14 -12.06
C LYS A 209 -20.38 30.76 -10.68
N PRO A 210 -20.64 29.53 -10.22
CA PRO A 210 -19.97 29.08 -8.99
C PRO A 210 -18.48 28.72 -9.24
N LEU A 211 -17.65 28.94 -8.23
CA LEU A 211 -16.21 28.77 -8.35
C LEU A 211 -15.75 27.61 -7.48
N THR A 212 -15.01 26.66 -8.06
CA THR A 212 -14.52 25.52 -7.30
C THR A 212 -13.18 25.84 -6.61
N PRO A 213 -13.19 25.86 -5.26
CA PRO A 213 -12.02 26.18 -4.44
C PRO A 213 -11.00 25.04 -4.46
N PRO A 214 -9.75 25.30 -3.96
CA PRO A 214 -8.76 24.24 -3.92
C PRO A 214 -9.29 23.08 -3.11
N GLN A 215 -8.88 21.86 -3.46
CA GLN A 215 -9.26 20.67 -2.73
C GLN A 215 -8.97 20.90 -1.25
N ASP A 216 -9.92 20.52 -0.40
CA ASP A 216 -9.81 20.60 1.07
C ASP A 216 -9.92 22.02 1.65
N TYR A 217 -10.31 23.01 0.86
CA TYR A 217 -10.48 24.38 1.41
C TYR A 217 -11.72 24.48 2.31
N PRO A 218 -11.49 24.71 3.62
CA PRO A 218 -12.61 24.86 4.56
C PRO A 218 -13.69 25.84 4.05
N ASP A 219 -14.95 25.40 4.07
CA ASP A 219 -16.12 26.25 3.74
C ASP A 219 -16.06 26.83 2.32
N PRO A 220 -16.22 25.96 1.29
CA PRO A 220 -16.13 26.30 -0.13
C PRO A 220 -17.02 27.46 -0.63
N ASP A 221 -18.27 27.52 -0.17
CA ASP A 221 -19.23 28.54 -0.64
C ASP A 221 -18.78 29.96 -0.32
N ASN A 222 -18.12 30.13 0.83
CA ASN A 222 -17.54 31.42 1.23
C ASN A 222 -16.02 31.50 1.01
N PHE A 223 -15.57 31.02 -0.15
CA PHE A 223 -14.17 31.14 -0.52
C PHE A 223 -13.92 32.57 -0.93
N CYS A 224 -12.85 33.16 -0.44
CA CYS A 224 -12.56 34.57 -0.76
C CYS A 224 -11.22 34.71 -1.49
N TRP A 225 -11.25 35.21 -2.72
CA TRP A 225 -10.01 35.40 -3.47
C TRP A 225 -9.01 36.28 -2.73
N GLU A 226 -9.47 37.48 -2.35
CA GLU A 226 -8.59 38.46 -1.72
C GLU A 226 -7.81 37.87 -0.54
N LYS A 227 -8.49 37.07 0.26
CA LYS A 227 -7.90 36.47 1.47
C LYS A 227 -6.95 35.33 1.13
N TYR A 228 -7.34 34.51 0.16
CA TYR A 228 -6.55 33.36 -0.29
C TYR A 228 -5.23 33.81 -0.91
N LEU A 229 -5.28 34.87 -1.72
CA LEU A 229 -4.08 35.51 -2.28
C LEU A 229 -3.09 35.99 -1.20
N GLU A 230 -3.59 36.72 -0.21
CA GLU A 230 -2.77 37.23 0.89
C GLU A 230 -2.07 36.08 1.60
N GLU A 231 -2.83 35.06 1.95
CA GLU A 231 -2.30 33.95 2.74
C GLU A 231 -1.30 33.08 1.95
N THR A 232 -1.44 33.02 0.62
CA THR A 232 -0.51 32.25 -0.21
C THR A 232 0.60 33.09 -0.84
N GLY A 233 0.69 34.37 -0.49
CA GLY A 233 1.79 35.22 -0.96
C GLY A 233 1.82 35.33 -2.47
N ALA A 234 0.64 35.46 -3.07
CA ALA A 234 0.50 35.31 -4.50
C ALA A 234 -0.27 36.49 -5.12
N SER A 235 0.09 36.84 -6.35
CA SER A 235 -0.67 37.81 -7.13
C SER A 235 -1.59 37.06 -8.11
N ALA A 236 -2.56 37.78 -8.65
CA ALA A 236 -3.48 37.28 -9.65
C ALA A 236 -2.96 37.67 -11.03
N VAL A 237 -3.03 36.76 -12.01
CA VAL A 237 -2.69 37.17 -13.38
C VAL A 237 -3.47 38.43 -13.71
N PRO A 238 -2.80 39.50 -14.17
CA PRO A 238 -3.52 40.74 -14.45
C PRO A 238 -4.51 40.59 -15.61
N THR A 239 -5.65 41.25 -15.53
CA THR A 239 -6.71 41.15 -16.55
C THR A 239 -6.22 41.35 -17.99
N TRP A 240 -5.29 42.27 -18.21
CA TRP A 240 -4.88 42.63 -19.57
C TRP A 240 -4.17 41.50 -20.31
N ALA A 241 -3.67 40.53 -19.56
CA ALA A 241 -2.89 39.41 -20.12
C ALA A 241 -3.73 38.40 -20.92
N PHE A 242 -5.03 38.35 -20.64
CA PHE A 242 -5.94 37.39 -21.27
C PHE A 242 -6.40 37.84 -22.66
N LYS A 243 -6.21 36.99 -23.67
CA LYS A 243 -6.58 37.34 -25.04
C LYS A 243 -7.76 36.52 -25.55
N VAL A 244 -8.64 37.18 -26.29
CA VAL A 244 -9.75 36.51 -26.92
C VAL A 244 -9.23 35.75 -28.13
N ARG A 245 -9.36 34.42 -28.12
CA ARG A 245 -9.14 33.61 -29.32
C ARG A 245 -10.42 33.52 -30.18
N PRO A 246 -10.33 33.84 -31.48
CA PRO A 246 -11.56 33.74 -32.28
C PRO A 246 -11.98 32.27 -32.51
N PRO A 247 -13.30 32.00 -32.56
CA PRO A 247 -13.75 30.66 -32.93
C PRO A 247 -13.12 30.11 -34.21
N HIS A 248 -12.90 28.81 -34.27
CA HIS A 248 -12.37 28.18 -35.47
C HIS A 248 -13.42 28.28 -36.57
N SER A 249 -13.02 27.99 -37.81
CA SER A 249 -13.89 28.12 -38.97
C SER A 249 -14.23 26.78 -39.63
N PHE A 250 -13.96 25.67 -38.94
CA PHE A 250 -14.34 24.33 -39.39
C PHE A 250 -15.86 24.20 -39.44
N LEU A 251 -16.33 23.42 -40.41
CA LEU A 251 -17.76 23.23 -40.61
C LEU A 251 -18.07 21.76 -40.68
N VAL A 252 -19.23 21.38 -40.13
CA VAL A 252 -19.68 19.99 -40.12
C VAL A 252 -19.59 19.38 -41.53
N ASN A 253 -19.04 18.17 -41.61
CA ASN A 253 -18.86 17.43 -42.87
C ASN A 253 -17.59 17.75 -43.63
N MET A 254 -16.79 18.70 -43.14
CA MET A 254 -15.46 18.86 -43.73
C MET A 254 -14.62 17.61 -43.46
N LYS A 255 -13.81 17.23 -44.43
CA LYS A 255 -12.97 16.07 -44.25
C LYS A 255 -11.53 16.47 -43.99
N LEU A 256 -10.82 15.61 -43.23
CA LEU A 256 -9.43 15.83 -42.83
C LEU A 256 -8.78 14.53 -42.41
N GLU A 257 -7.56 14.63 -41.90
CA GLU A 257 -6.82 13.47 -41.39
C GLU A 257 -6.66 13.69 -39.89
N ALA A 258 -6.91 12.64 -39.09
CA ALA A 258 -6.72 12.69 -37.61
C ALA A 258 -6.09 11.43 -37.06
N VAL A 259 -5.20 11.60 -36.09
CA VAL A 259 -4.57 10.47 -35.37
C VAL A 259 -5.62 9.65 -34.61
N ASP A 260 -5.54 8.32 -34.70
CA ASP A 260 -6.47 7.41 -34.00
C ASP A 260 -6.12 7.41 -32.53
N ARG A 261 -7.12 7.58 -31.67
CA ARG A 261 -6.87 7.63 -30.24
C ARG A 261 -6.63 6.25 -29.65
N ARG A 262 -7.42 5.26 -30.07
CA ARG A 262 -7.31 3.91 -29.52
C ARG A 262 -6.06 3.19 -30.03
N ASN A 263 -5.51 3.68 -31.13
CA ASN A 263 -4.27 3.16 -31.69
C ASN A 263 -3.47 4.29 -32.34
N PRO A 264 -2.68 5.01 -31.52
CA PRO A 264 -2.12 6.29 -31.96
C PRO A 264 -1.08 6.20 -33.08
N ALA A 265 -0.62 5.00 -33.41
CA ALA A 265 0.31 4.84 -34.53
C ALA A 265 -0.36 5.18 -35.86
N LEU A 266 -1.69 5.12 -35.88
CA LEU A 266 -2.45 5.21 -37.11
C LEU A 266 -3.11 6.56 -37.30
N ILE A 267 -3.12 7.02 -38.55
CA ILE A 267 -3.80 8.26 -38.98
C ILE A 267 -4.88 7.90 -40.00
N ARG A 268 -6.14 8.23 -39.69
CA ARG A 268 -7.28 7.81 -40.52
C ARG A 268 -7.96 8.97 -41.23
N VAL A 269 -8.70 8.66 -42.30
CA VAL A 269 -9.56 9.63 -42.97
C VAL A 269 -10.59 10.03 -41.97
N ALA A 270 -10.95 11.31 -41.91
CA ALA A 270 -11.86 11.78 -40.85
C ALA A 270 -12.82 12.85 -41.32
N SER A 271 -13.93 12.97 -40.59
CA SER A 271 -14.96 13.96 -40.86
C SER A 271 -15.23 14.79 -39.64
N VAL A 272 -15.61 16.04 -39.86
CA VAL A 272 -16.11 16.94 -38.82
C VAL A 272 -17.58 16.62 -38.56
N GLU A 273 -17.84 15.87 -37.48
CA GLU A 273 -19.19 15.45 -37.14
C GLU A 273 -20.03 16.55 -36.49
N ASP A 274 -19.42 17.40 -35.68
CA ASP A 274 -20.15 18.43 -34.91
C ASP A 274 -19.13 19.47 -34.48
N VAL A 275 -19.55 20.74 -34.43
CA VAL A 275 -18.65 21.84 -34.09
C VAL A 275 -19.04 22.52 -32.76
N GLU A 276 -18.06 23.18 -32.12
CA GLU A 276 -18.27 24.14 -31.03
C GLU A 276 -17.42 25.33 -31.43
N ASP A 277 -17.40 26.37 -30.59
CA ASP A 277 -16.52 27.51 -30.83
C ASP A 277 -15.04 27.13 -30.96
N HIS A 278 -14.54 26.28 -30.06
CA HIS A 278 -13.11 25.97 -30.00
C HIS A 278 -12.76 24.49 -30.18
N ARG A 279 -13.80 23.67 -30.22
CA ARG A 279 -13.61 22.24 -30.37
C ARG A 279 -14.32 21.71 -31.59
N ILE A 280 -13.86 20.56 -32.09
CA ILE A 280 -14.57 19.84 -33.12
C ILE A 280 -14.74 18.39 -32.72
N LYS A 281 -15.82 17.76 -33.18
CA LYS A 281 -16.06 16.34 -32.97
C LYS A 281 -15.58 15.57 -34.20
N ILE A 282 -14.67 14.62 -33.98
CA ILE A 282 -14.07 13.85 -35.07
C ILE A 282 -14.83 12.55 -35.26
N HIS A 283 -15.11 12.21 -36.52
CA HIS A 283 -15.62 10.90 -36.87
C HIS A 283 -14.77 10.30 -37.97
N PHE A 284 -14.34 9.07 -37.74
CA PHE A 284 -13.55 8.30 -38.70
C PHE A 284 -14.47 7.59 -39.64
N ASP A 285 -14.34 7.90 -40.93
CA ASP A 285 -15.24 7.45 -41.98
C ASP A 285 -15.36 5.93 -42.07
N GLY A 286 -16.59 5.44 -42.09
CA GLY A 286 -16.82 4.00 -42.19
C GLY A 286 -16.66 3.25 -40.88
N TRP A 287 -16.21 3.93 -39.83
CA TRP A 287 -16.17 3.32 -38.51
C TRP A 287 -17.44 3.66 -37.76
N SER A 288 -17.73 2.89 -36.72
CA SER A 288 -18.86 3.15 -35.86
C SER A 288 -18.74 4.52 -35.22
N HIS A 289 -19.86 5.21 -35.07
CA HIS A 289 -19.92 6.50 -34.40
C HIS A 289 -19.49 6.46 -32.93
N GLY A 290 -19.42 5.27 -32.35
CA GLY A 290 -18.94 5.09 -30.97
C GLY A 290 -17.48 5.50 -30.81
N TYR A 291 -16.71 5.50 -31.89
CA TYR A 291 -15.31 5.98 -31.82
C TYR A 291 -15.16 7.51 -31.97
N ASP A 292 -16.25 8.22 -32.25
CA ASP A 292 -16.21 9.67 -32.34
C ASP A 292 -15.76 10.27 -31.01
N PHE A 293 -15.10 11.42 -31.05
CA PHE A 293 -14.59 12.08 -29.86
C PHE A 293 -14.43 13.56 -30.16
N TRP A 294 -14.45 14.39 -29.11
CA TRP A 294 -14.22 15.83 -29.26
C TRP A 294 -12.74 16.15 -29.13
N ILE A 295 -12.33 17.22 -29.78
CA ILE A 295 -10.94 17.64 -29.75
C ILE A 295 -10.89 19.13 -29.98
N ASP A 296 -9.93 19.78 -29.34
CA ASP A 296 -9.68 21.18 -29.56
C ASP A 296 -9.23 21.37 -30.98
N ALA A 297 -9.50 22.53 -31.54
CA ALA A 297 -9.19 22.80 -32.94
C ALA A 297 -7.71 23.07 -33.18
N ASP A 298 -6.96 23.31 -32.11
CA ASP A 298 -5.52 23.59 -32.24
C ASP A 298 -4.64 22.40 -31.86
N HIS A 299 -5.30 21.28 -31.57
CA HIS A 299 -4.63 20.04 -31.18
C HIS A 299 -3.64 19.59 -32.25
N PRO A 300 -2.39 19.32 -31.84
CA PRO A 300 -1.33 18.89 -32.78
C PRO A 300 -1.67 17.63 -33.57
N ASP A 301 -2.69 16.89 -33.16
CA ASP A 301 -2.98 15.61 -33.80
C ASP A 301 -4.14 15.60 -34.82
N ILE A 302 -4.55 16.76 -35.30
CA ILE A 302 -5.38 16.80 -36.51
C ILE A 302 -4.68 17.57 -37.64
N HIS A 303 -4.88 17.13 -38.88
CA HIS A 303 -4.14 17.67 -40.04
C HIS A 303 -5.06 17.81 -41.26
N PRO A 304 -4.66 18.64 -42.24
CA PRO A 304 -5.44 18.73 -43.47
C PRO A 304 -5.23 17.54 -44.39
N ALA A 305 -6.21 17.28 -45.24
CA ALA A 305 -6.08 16.26 -46.29
C ALA A 305 -4.76 16.44 -47.04
N GLY A 306 -3.98 15.36 -47.15
CA GLY A 306 -2.70 15.39 -47.85
C GLY A 306 -1.46 15.44 -46.97
N TRP A 307 -1.62 15.78 -45.70
CA TRP A 307 -0.54 15.80 -44.73
C TRP A 307 0.24 14.48 -44.71
N CYS A 308 -0.48 13.37 -44.61
CA CYS A 308 0.14 12.05 -44.57
C CYS A 308 0.94 11.77 -45.82
N SER A 309 0.33 12.07 -46.96
CA SER A 309 0.96 11.90 -48.26
C SER A 309 2.26 12.69 -48.32
N LYS A 310 2.18 13.99 -48.02
CA LYS A 310 3.30 14.90 -48.20
C LYS A 310 4.46 14.66 -47.22
N THR A 311 4.14 14.14 -46.04
CA THR A 311 5.16 13.83 -45.04
C THR A 311 5.64 12.38 -45.08
N GLY A 312 4.95 11.54 -45.85
CA GLY A 312 5.31 10.13 -45.98
C GLY A 312 4.91 9.22 -44.82
N HIS A 313 3.76 9.51 -44.20
CA HIS A 313 3.17 8.69 -43.13
C HIS A 313 1.96 8.01 -43.75
N PRO A 314 1.85 6.66 -43.67
CA PRO A 314 0.65 6.00 -44.23
C PRO A 314 -0.69 6.54 -43.71
N LEU A 315 -1.70 6.57 -44.60
CA LEU A 315 -3.04 7.02 -44.25
C LEU A 315 -4.02 5.86 -44.31
N GLN A 316 -4.81 5.70 -43.26
CA GLN A 316 -5.83 4.65 -43.24
C GLN A 316 -7.06 5.10 -44.03
N PRO A 317 -7.37 4.41 -45.14
CA PRO A 317 -8.55 4.75 -45.91
C PRO A 317 -9.79 4.36 -45.12
N PRO A 318 -10.97 4.91 -45.44
CA PRO A 318 -12.14 4.54 -44.63
C PRO A 318 -12.36 3.03 -44.64
N LEU A 319 -13.01 2.49 -43.61
CA LEU A 319 -13.29 1.06 -43.48
C LEU A 319 -14.30 0.59 -44.52
N TRP B 7 -12.48 16.54 37.53
CA TRP B 7 -12.23 16.98 36.11
C TRP B 7 -13.55 17.11 35.35
N SER B 8 -13.68 18.19 34.59
CA SER B 8 -14.86 18.42 33.76
C SER B 8 -14.49 19.15 32.45
N TRP B 9 -15.41 19.10 31.48
CA TRP B 9 -15.22 19.78 30.21
C TRP B 9 -15.32 21.30 30.38
N GLU B 10 -16.36 21.74 31.09
CA GLU B 10 -16.58 23.14 31.40
C GLU B 10 -15.31 23.79 31.92
N SER B 11 -14.67 23.18 32.93
CA SER B 11 -13.48 23.74 33.54
C SER B 11 -12.24 23.69 32.64
N TYR B 12 -12.02 22.54 31.99
CA TYR B 12 -10.88 22.37 31.08
C TYR B 12 -10.96 23.29 29.85
N LEU B 13 -12.18 23.57 29.39
CA LEU B 13 -12.35 24.45 28.23
C LEU B 13 -11.89 25.88 28.52
N GLU B 14 -12.27 26.40 29.68
CA GLU B 14 -11.83 27.73 30.13
C GLU B 14 -10.32 27.83 30.23
N GLU B 15 -9.71 26.96 31.02
CA GLU B 15 -8.25 26.99 31.21
C GLU B 15 -7.42 26.80 29.95
N GLN B 16 -8.02 26.28 28.88
CA GLN B 16 -7.33 26.10 27.60
C GLN B 16 -7.81 27.12 26.58
N LYS B 17 -8.78 27.95 27.00
CA LYS B 17 -9.45 28.91 26.12
C LYS B 17 -9.78 28.26 24.78
N ALA B 18 -10.60 27.20 24.83
CA ALA B 18 -10.89 26.39 23.64
C ALA B 18 -12.37 26.03 23.52
N ILE B 19 -12.75 25.58 22.33
CA ILE B 19 -14.13 25.14 22.04
C ILE B 19 -14.22 23.63 21.88
N THR B 20 -15.38 23.05 22.16
CA THR B 20 -15.66 21.68 21.74
C THR B 20 -16.34 21.72 20.40
N ALA B 21 -16.19 20.64 19.63
CA ALA B 21 -17.00 20.41 18.43
C ALA B 21 -18.47 20.38 18.84
N PRO B 22 -19.31 21.15 18.14
CA PRO B 22 -20.74 21.11 18.43
C PRO B 22 -21.39 19.77 18.05
N VAL B 23 -22.29 19.30 18.93
CA VAL B 23 -23.07 18.07 18.75
C VAL B 23 -23.68 17.95 17.36
N SER B 24 -23.89 19.08 16.69
CA SER B 24 -24.48 19.09 15.35
C SER B 24 -23.48 18.85 14.19
N LEU B 25 -22.19 18.81 14.52
CA LEU B 25 -21.16 18.49 13.51
C LEU B 25 -21.00 16.99 13.28
N PHE B 26 -21.57 16.20 14.20
CA PHE B 26 -21.50 14.75 14.14
C PHE B 26 -22.74 14.16 13.49
N GLN B 27 -22.62 12.94 12.96
CA GLN B 27 -23.79 12.15 12.58
C GLN B 27 -24.59 11.83 13.84
N ASP B 28 -25.89 11.61 13.70
CA ASP B 28 -26.73 11.25 14.85
C ASP B 28 -26.15 10.08 15.63
N SER B 29 -25.79 9.01 14.93
CA SER B 29 -25.31 7.79 15.58
C SER B 29 -24.04 8.03 16.41
N GLN B 30 -23.18 8.94 15.96
CA GLN B 30 -22.03 9.33 16.76
C GLN B 30 -22.44 10.11 18.01
N ALA B 31 -23.55 10.83 17.96
CA ALA B 31 -23.99 11.68 19.08
C ALA B 31 -24.98 11.06 20.06
N VAL B 32 -25.92 10.25 19.57
CA VAL B 32 -27.03 9.75 20.41
C VAL B 32 -26.59 9.09 21.71
N THR B 33 -26.96 9.72 22.81
CA THR B 33 -26.62 9.25 24.14
C THR B 33 -27.82 8.74 24.91
N HIS B 34 -29.04 8.98 24.42
CA HIS B 34 -30.24 8.66 25.22
C HIS B 34 -30.68 7.19 25.18
N ASN B 35 -30.12 6.42 24.25
CA ASN B 35 -30.45 5.00 24.11
C ASN B 35 -29.70 4.19 25.13
N LYS B 36 -30.44 3.37 25.86
CA LYS B 36 -29.85 2.46 26.82
C LYS B 36 -29.24 1.25 26.10
N ASN B 37 -28.07 0.83 26.56
CA ASN B 37 -27.43 -0.39 26.08
C ASN B 37 -28.14 -1.61 26.61
N GLY B 38 -28.78 -2.38 25.72
CA GLY B 38 -29.60 -3.50 26.17
C GLY B 38 -28.85 -4.83 26.11
N PHE B 39 -27.59 -4.76 25.70
CA PHE B 39 -26.79 -5.98 25.58
C PHE B 39 -26.32 -6.41 26.96
N LYS B 40 -26.46 -7.70 27.28
CA LYS B 40 -26.04 -8.20 28.58
C LYS B 40 -25.02 -9.32 28.44
N LEU B 41 -24.22 -9.53 29.48
CA LEU B 41 -23.16 -10.56 29.44
C LEU B 41 -23.75 -11.90 29.06
N GLY B 42 -23.09 -12.59 28.14
CA GLY B 42 -23.50 -13.93 27.74
C GLY B 42 -24.36 -13.97 26.48
N MET B 43 -25.06 -12.87 26.19
CA MET B 43 -25.93 -12.82 25.03
C MET B 43 -25.16 -13.14 23.76
N LYS B 44 -25.78 -13.94 22.89
CA LYS B 44 -25.19 -14.35 21.63
C LYS B 44 -25.86 -13.65 20.44
N LEU B 45 -25.07 -13.44 19.39
CA LEU B 45 -25.46 -12.72 18.19
C LEU B 45 -24.53 -13.10 17.03
N GLU B 46 -24.73 -12.42 15.90
CA GLU B 46 -23.93 -12.60 14.70
C GLU B 46 -23.27 -11.26 14.32
N GLY B 47 -22.05 -11.30 13.79
CA GLY B 47 -21.37 -10.08 13.39
C GLY B 47 -20.14 -10.27 12.54
N ILE B 48 -19.71 -9.22 11.85
CA ILE B 48 -18.53 -9.27 11.01
C ILE B 48 -17.26 -9.30 11.84
N ASP B 49 -16.26 -10.02 11.34
CA ASP B 49 -14.92 -9.99 11.88
C ASP B 49 -14.26 -8.69 11.36
N PRO B 50 -13.87 -7.77 12.26
CA PRO B 50 -13.22 -6.53 11.78
C PRO B 50 -11.97 -6.77 10.92
N GLN B 51 -11.28 -7.89 11.15
CA GLN B 51 -10.08 -8.25 10.39
C GLN B 51 -10.43 -8.74 8.99
N HIS B 52 -11.60 -9.33 8.86
CA HIS B 52 -12.08 -9.91 7.62
C HIS B 52 -13.51 -9.45 7.42
N PRO B 53 -13.67 -8.24 6.88
CA PRO B 53 -14.97 -7.55 6.84
C PRO B 53 -16.09 -8.22 6.04
N SER B 54 -15.84 -9.35 5.38
CA SER B 54 -16.86 -10.02 4.55
C SER B 54 -17.36 -11.33 5.16
N MET B 55 -16.86 -11.64 6.35
CA MET B 55 -17.13 -12.92 7.02
C MET B 55 -17.95 -12.73 8.27
N TYR B 56 -18.74 -13.73 8.62
CA TYR B 56 -19.60 -13.60 9.78
C TYR B 56 -19.40 -14.71 10.77
N PHE B 57 -19.34 -14.36 12.05
CA PHE B 57 -19.08 -15.34 13.12
C PHE B 57 -20.12 -15.29 14.23
N ILE B 58 -20.27 -16.38 14.97
CA ILE B 58 -21.07 -16.33 16.19
C ILE B 58 -20.29 -15.57 17.26
N LEU B 59 -20.93 -14.53 17.79
CA LEU B 59 -20.26 -13.66 18.73
C LEU B 59 -20.97 -13.68 20.09
N THR B 60 -20.27 -13.36 21.15
CA THR B 60 -20.89 -13.37 22.48
C THR B 60 -20.46 -12.12 23.18
N VAL B 61 -21.42 -11.48 23.86
CA VAL B 61 -21.14 -10.35 24.73
C VAL B 61 -20.23 -10.80 25.88
N ALA B 62 -18.98 -10.32 25.87
CA ALA B 62 -18.00 -10.60 26.93
C ALA B 62 -17.93 -9.52 28.00
N GLU B 63 -18.17 -8.27 27.60
CA GLU B 63 -18.15 -7.13 28.53
C GLU B 63 -19.07 -6.03 28.01
N VAL B 64 -19.65 -5.23 28.90
CA VAL B 64 -20.37 -4.02 28.55
C VAL B 64 -19.81 -2.80 29.32
N CYS B 65 -19.64 -1.68 28.64
CA CYS B 65 -19.23 -0.46 29.30
C CYS B 65 -19.93 0.69 28.63
N GLY B 66 -20.85 1.33 29.35
CA GLY B 66 -21.64 2.42 28.79
C GLY B 66 -22.45 1.96 27.60
N TYR B 67 -22.23 2.58 26.46
CA TYR B 67 -22.98 2.26 25.24
C TYR B 67 -22.15 1.38 24.32
N ARG B 68 -20.96 1.00 24.75
CA ARG B 68 -20.10 0.10 23.99
C ARG B 68 -20.15 -1.28 24.59
N LEU B 69 -19.66 -2.24 23.83
CA LEU B 69 -19.60 -3.61 24.27
C LEU B 69 -18.44 -4.36 23.66
N ARG B 70 -17.90 -5.32 24.41
CA ARG B 70 -16.79 -6.15 23.95
C ARG B 70 -17.31 -7.51 23.53
N LEU B 71 -16.93 -7.91 22.32
CA LEU B 71 -17.44 -9.13 21.69
C LEU B 71 -16.38 -10.21 21.58
N HIS B 72 -16.81 -11.44 21.78
CA HIS B 72 -15.89 -12.57 21.78
C HIS B 72 -16.31 -13.56 20.68
N PHE B 73 -15.34 -14.01 19.88
CA PHE B 73 -15.57 -15.09 18.89
C PHE B 73 -15.72 -16.44 19.61
N ASP B 74 -16.85 -17.13 19.40
CA ASP B 74 -17.07 -18.41 20.08
C ASP B 74 -16.11 -19.46 19.58
N GLY B 75 -15.44 -20.11 20.53
CA GLY B 75 -14.53 -21.20 20.24
C GLY B 75 -13.08 -20.77 20.05
N TYR B 76 -12.87 -19.47 19.84
CA TYR B 76 -11.53 -18.94 19.65
C TYR B 76 -10.98 -18.23 20.89
N SER B 77 -9.78 -17.67 20.75
CA SER B 77 -9.10 -17.03 21.86
C SER B 77 -9.66 -15.66 22.20
N GLU B 78 -9.63 -15.35 23.49
CA GLU B 78 -10.03 -14.06 24.02
C GLU B 78 -9.16 -12.90 23.47
N CYS B 79 -8.07 -13.23 22.79
CA CYS B 79 -7.19 -12.19 22.22
C CYS B 79 -7.79 -11.50 20.97
N HIS B 80 -8.78 -12.14 20.34
CA HIS B 80 -9.45 -11.57 19.16
C HIS B 80 -10.68 -10.72 19.53
N ASP B 81 -10.95 -10.58 20.82
CA ASP B 81 -12.09 -9.76 21.27
C ASP B 81 -11.97 -8.33 20.75
N PHE B 82 -13.11 -7.70 20.49
CA PHE B 82 -13.12 -6.35 19.94
C PHE B 82 -14.29 -5.57 20.46
N TRP B 83 -14.19 -4.25 20.37
CA TRP B 83 -15.25 -3.39 20.85
C TRP B 83 -16.09 -2.77 19.74
N VAL B 84 -17.40 -2.72 19.96
CA VAL B 84 -18.32 -2.01 19.07
C VAL B 84 -19.29 -1.22 19.90
N ASN B 85 -19.96 -0.26 19.29
CA ASN B 85 -21.05 0.44 19.98
C ASN B 85 -22.34 -0.37 19.89
N ALA B 86 -23.27 -0.11 20.81
CA ALA B 86 -24.55 -0.80 20.82
C ALA B 86 -25.42 -0.54 19.57
N ASN B 87 -25.22 0.60 18.92
CA ASN B 87 -25.94 0.92 17.69
C ASN B 87 -25.15 0.60 16.41
N SER B 88 -24.19 -0.33 16.51
CA SER B 88 -23.38 -0.79 15.37
C SER B 88 -24.20 -1.51 14.31
N PRO B 89 -23.94 -1.19 13.03
CA PRO B 89 -24.64 -1.89 11.98
C PRO B 89 -23.96 -3.21 11.58
N ASP B 90 -22.85 -3.52 12.26
CA ASP B 90 -22.01 -4.68 11.93
C ASP B 90 -22.30 -5.93 12.77
N ILE B 91 -23.40 -5.87 13.51
CA ILE B 91 -23.87 -6.98 14.32
C ILE B 91 -25.36 -7.20 14.03
N HIS B 92 -25.80 -8.46 14.18
CA HIS B 92 -27.11 -8.92 13.76
C HIS B 92 -27.62 -10.01 14.69
N PRO B 93 -28.95 -10.14 14.83
CA PRO B 93 -29.50 -11.11 15.77
C PRO B 93 -29.38 -12.56 15.30
N ALA B 94 -29.33 -13.47 16.27
CA ALA B 94 -29.27 -14.88 15.99
C ALA B 94 -30.33 -15.24 14.94
N GLY B 95 -29.87 -15.87 13.87
CA GLY B 95 -30.76 -16.31 12.80
C GLY B 95 -30.75 -15.44 11.56
N TRP B 96 -29.97 -14.36 11.56
CA TRP B 96 -30.01 -13.37 10.47
C TRP B 96 -29.29 -13.89 9.21
N PHE B 97 -28.16 -14.56 9.41
CA PHE B 97 -27.40 -15.06 8.28
C PHE B 97 -28.24 -15.95 7.36
N GLU B 98 -29.06 -16.82 7.93
CA GLU B 98 -29.91 -17.77 7.22
C GLU B 98 -31.01 -17.08 6.44
N LYS B 99 -31.52 -15.98 6.98
CA LYS B 99 -32.70 -15.31 6.44
C LYS B 99 -32.31 -14.35 5.31
N THR B 100 -31.03 -14.00 5.21
CA THR B 100 -30.60 -12.92 4.33
C THR B 100 -29.47 -13.33 3.38
N GLY B 101 -29.19 -14.63 3.33
CA GLY B 101 -28.21 -15.19 2.42
C GLY B 101 -26.75 -14.99 2.75
N HIS B 102 -26.40 -15.05 4.04
CA HIS B 102 -25.01 -14.80 4.42
C HIS B 102 -24.36 -16.04 4.99
N LYS B 103 -23.07 -16.17 4.72
CA LYS B 103 -22.33 -17.34 5.16
C LYS B 103 -21.95 -17.17 6.60
N LEU B 104 -22.14 -18.22 7.38
CA LEU B 104 -21.70 -18.22 8.76
C LEU B 104 -20.45 -19.05 8.90
N GLN B 105 -19.45 -18.48 9.58
CA GLN B 105 -18.31 -19.25 10.05
C GLN B 105 -18.71 -19.79 11.42
N PRO B 106 -18.80 -21.11 11.53
CA PRO B 106 -19.23 -21.69 12.81
C PRO B 106 -18.15 -21.53 13.86
N PRO B 107 -18.49 -21.75 15.14
CA PRO B 107 -17.48 -21.70 16.20
C PRO B 107 -16.41 -22.77 15.95
N LYS B 108 -15.18 -22.52 16.40
CA LYS B 108 -14.07 -23.44 16.15
C LYS B 108 -14.44 -24.87 16.53
N GLY B 109 -14.27 -25.80 15.58
CA GLY B 109 -14.63 -27.19 15.81
C GLY B 109 -15.88 -27.72 15.12
N TYR B 110 -16.82 -26.84 14.78
CA TYR B 110 -18.04 -27.26 14.06
C TYR B 110 -17.78 -27.57 12.58
N PHE B 115 -24.31 -26.75 11.56
CA PHE B 115 -24.69 -25.74 12.55
C PHE B 115 -26.17 -25.36 12.51
N SER B 116 -26.73 -25.14 13.71
CA SER B 116 -28.13 -24.79 13.91
C SER B 116 -28.25 -23.97 15.20
N TRP B 117 -28.98 -22.86 15.15
CA TRP B 117 -29.13 -22.01 16.34
C TRP B 117 -29.94 -22.61 17.49
N SER B 118 -31.06 -23.26 17.17
CA SER B 118 -31.86 -23.91 18.23
C SER B 118 -31.07 -25.01 18.98
N GLN B 119 -30.21 -25.73 18.27
CA GLN B 119 -29.36 -26.77 18.84
C GLN B 119 -28.24 -26.18 19.70
N TYR B 120 -27.67 -25.09 19.21
CA TYR B 120 -26.59 -24.39 19.90
C TYR B 120 -27.05 -23.77 21.22
N LEU B 121 -28.25 -23.20 21.22
CA LEU B 121 -28.81 -22.59 22.44
C LEU B 121 -29.22 -23.68 23.42
N ARG B 122 -29.53 -24.88 22.89
CA ARG B 122 -29.81 -26.01 23.76
C ARG B 122 -28.55 -26.46 24.50
N SER B 123 -27.43 -26.57 23.79
CA SER B 123 -26.18 -27.05 24.41
C SER B 123 -25.52 -26.02 25.32
N THR B 124 -25.56 -24.75 24.91
CA THR B 124 -24.94 -23.68 25.68
C THR B 124 -25.84 -23.18 26.80
N ARG B 125 -27.14 -23.44 26.70
CA ARG B 125 -28.14 -22.83 27.57
C ARG B 125 -28.07 -21.29 27.56
N ALA B 126 -27.63 -20.72 26.45
CA ALA B 126 -27.48 -19.27 26.35
C ALA B 126 -28.70 -18.58 25.73
N GLN B 127 -28.81 -17.29 25.98
CA GLN B 127 -29.87 -16.50 25.39
C GLN B 127 -29.31 -15.78 24.17
N ALA B 128 -30.03 -15.85 23.05
CA ALA B 128 -29.72 -14.95 21.93
C ALA B 128 -30.06 -13.52 22.31
N ALA B 129 -29.17 -12.58 21.99
CA ALA B 129 -29.52 -11.16 22.09
C ALA B 129 -30.81 -10.86 21.31
N PRO B 130 -31.84 -10.34 22.01
CA PRO B 130 -33.17 -10.07 21.43
C PRO B 130 -33.08 -9.23 20.17
N LYS B 131 -34.02 -9.38 19.25
CA LYS B 131 -33.97 -8.69 17.94
C LYS B 131 -33.97 -7.16 18.04
N HIS B 132 -34.85 -6.62 18.88
CA HIS B 132 -35.09 -5.17 18.93
C HIS B 132 -33.89 -4.31 19.34
N LEU B 133 -32.80 -4.97 19.76
CA LEU B 133 -31.55 -4.32 20.13
C LEU B 133 -30.68 -3.92 18.93
N PHE B 134 -30.95 -4.51 17.77
CA PHE B 134 -30.11 -4.30 16.59
C PHE B 134 -30.70 -3.24 15.67
N VAL B 135 -29.87 -2.28 15.25
CA VAL B 135 -30.38 -1.26 14.33
C VAL B 135 -30.54 -1.79 12.90
N SER B 136 -29.87 -2.91 12.62
CA SER B 136 -29.60 -3.43 11.28
C SER B 136 -29.90 -4.93 11.19
N GLN B 137 -30.93 -5.28 10.42
CA GLN B 137 -31.38 -6.69 10.27
C GLN B 137 -31.86 -6.96 8.85
N SER B 138 -31.43 -6.13 7.91
CA SER B 138 -31.85 -6.23 6.51
C SER B 138 -33.36 -6.03 6.32
N HIS B 139 -33.93 -5.09 7.09
CA HIS B 139 -35.34 -4.71 6.94
C HIS B 139 -35.52 -3.31 6.34
N SER B 140 -34.68 -2.37 6.76
CA SER B 140 -34.73 -0.96 6.27
C SER B 140 -34.28 -0.79 4.80
N PRO B 141 -34.62 0.35 4.16
CA PRO B 141 -34.43 0.57 2.71
C PRO B 141 -33.00 0.42 2.15
N PRO B 142 -32.84 -0.34 1.05
CA PRO B 142 -31.56 -0.68 0.39
C PRO B 142 -30.79 0.55 -0.17
N PRO B 143 -29.47 0.37 -0.43
CA PRO B 143 -28.72 1.44 -1.10
C PRO B 143 -29.03 1.45 -2.60
N LEU B 144 -29.90 2.37 -2.99
CA LEU B 144 -30.45 2.46 -4.34
C LEU B 144 -29.36 2.42 -5.42
N GLY B 145 -29.53 1.49 -6.37
CA GLY B 145 -28.63 1.33 -7.50
C GLY B 145 -27.55 0.29 -7.29
N PHE B 146 -27.16 0.04 -6.02
CA PHE B 146 -26.04 -0.88 -5.73
C PHE B 146 -26.55 -2.31 -5.58
N GLN B 147 -26.19 -3.17 -6.53
CA GLN B 147 -26.53 -4.59 -6.43
C GLN B 147 -25.27 -5.42 -6.21
N VAL B 148 -25.45 -6.59 -5.60
CA VAL B 148 -24.41 -7.61 -5.50
C VAL B 148 -23.99 -8.00 -6.92
N GLY B 149 -22.68 -7.92 -7.17
CA GLY B 149 -22.11 -8.36 -8.43
C GLY B 149 -21.77 -7.20 -9.35
N MET B 150 -22.20 -6.01 -9.00
CA MET B 150 -21.86 -4.86 -9.81
C MET B 150 -20.43 -4.42 -9.57
N LYS B 151 -19.81 -3.91 -10.63
CA LYS B 151 -18.42 -3.48 -10.56
C LYS B 151 -18.35 -1.97 -10.40
N LEU B 152 -17.20 -1.51 -9.92
CA LEU B 152 -16.96 -0.09 -9.69
C LEU B 152 -15.47 0.13 -9.50
N GLU B 153 -15.11 1.40 -9.27
CA GLU B 153 -13.73 1.77 -9.01
C GLU B 153 -13.64 2.33 -7.61
N ALA B 154 -12.70 1.80 -6.82
CA ALA B 154 -12.57 2.16 -5.40
C ALA B 154 -11.12 2.35 -4.96
N VAL B 155 -10.91 3.34 -4.10
CA VAL B 155 -9.61 3.60 -3.49
C VAL B 155 -9.19 2.44 -2.59
N ASP B 156 -7.98 1.92 -2.80
CA ASP B 156 -7.41 0.95 -1.88
C ASP B 156 -7.05 1.68 -0.60
N ARG B 157 -7.94 1.61 0.39
CA ARG B 157 -7.74 2.36 1.64
C ARG B 157 -6.43 2.04 2.34
N MET B 158 -5.83 0.91 2.01
CA MET B 158 -4.53 0.57 2.57
C MET B 158 -3.38 1.08 1.70
N ASN B 159 -3.69 1.58 0.52
CA ASN B 159 -2.73 2.23 -0.36
C ASN B 159 -3.40 3.39 -1.10
N PRO B 160 -3.79 4.47 -0.35
CA PRO B 160 -4.73 5.48 -0.87
C PRO B 160 -4.34 6.09 -2.20
N SER B 161 -3.13 5.77 -2.66
CA SER B 161 -2.64 6.24 -3.94
C SER B 161 -3.29 5.51 -5.11
N LEU B 162 -3.85 4.34 -4.83
CA LEU B 162 -4.40 3.53 -5.92
C LEU B 162 -5.93 3.55 -6.00
N VAL B 163 -6.43 3.65 -7.23
CA VAL B 163 -7.84 3.41 -7.49
C VAL B 163 -7.91 2.07 -8.21
N CYS B 164 -8.77 1.17 -7.74
CA CYS B 164 -8.78 -0.21 -8.23
C CYS B 164 -10.13 -0.70 -8.68
N VAL B 165 -10.10 -1.72 -9.53
CA VAL B 165 -11.26 -2.44 -9.98
C VAL B 165 -11.81 -3.25 -8.83
N ALA B 166 -13.08 -2.99 -8.51
CA ALA B 166 -13.75 -3.55 -7.34
C ALA B 166 -15.16 -4.03 -7.67
N SER B 167 -15.75 -4.74 -6.72
CA SER B 167 -17.09 -5.27 -6.84
C SER B 167 -17.87 -5.01 -5.58
N VAL B 168 -19.19 -5.03 -5.72
CA VAL B 168 -20.09 -5.12 -4.59
C VAL B 168 -20.32 -6.61 -4.31
N THR B 169 -20.00 -7.07 -3.11
CA THR B 169 -20.24 -8.48 -2.76
C THR B 169 -21.20 -8.73 -1.58
N ASP B 170 -21.80 -7.67 -1.05
CA ASP B 170 -22.72 -7.78 0.07
C ASP B 170 -23.51 -6.49 0.21
N VAL B 171 -24.79 -6.62 0.52
CA VAL B 171 -25.68 -5.48 0.66
C VAL B 171 -26.51 -5.74 1.91
N VAL B 172 -26.45 -4.81 2.87
CA VAL B 172 -27.14 -4.95 4.14
C VAL B 172 -27.68 -3.59 4.51
N ASP B 173 -29.00 -3.48 4.58
CA ASP B 173 -29.69 -2.23 4.85
C ASP B 173 -29.15 -1.11 3.95
N SER B 174 -28.72 0.00 4.53
CA SER B 174 -28.33 1.12 3.69
C SER B 174 -26.87 1.04 3.23
N ARG B 175 -26.20 -0.07 3.55
CA ARG B 175 -24.79 -0.20 3.21
C ARG B 175 -24.46 -1.42 2.31
N PHE B 176 -23.30 -1.33 1.65
CA PHE B 176 -22.77 -2.40 0.81
C PHE B 176 -21.26 -2.60 1.03
N LEU B 177 -20.78 -3.80 0.68
CA LEU B 177 -19.39 -4.16 0.85
C LEU B 177 -18.61 -4.07 -0.46
N VAL B 178 -17.54 -3.28 -0.43
CA VAL B 178 -16.66 -3.12 -1.57
C VAL B 178 -15.56 -4.18 -1.48
N HIS B 179 -15.42 -4.95 -2.54
CA HIS B 179 -14.36 -5.99 -2.62
C HIS B 179 -13.46 -5.75 -3.82
N PHE B 180 -12.16 -6.03 -3.65
CA PHE B 180 -11.19 -5.87 -4.73
C PHE B 180 -10.95 -7.20 -5.41
N ASP B 181 -11.31 -7.28 -6.69
CA ASP B 181 -11.24 -8.53 -7.46
C ASP B 181 -9.84 -9.11 -7.42
N ASN B 182 -9.78 -10.42 -7.18
CA ASN B 182 -8.53 -11.21 -7.11
C ASN B 182 -7.68 -10.99 -5.88
N TRP B 183 -7.88 -9.87 -5.19
CA TRP B 183 -7.20 -9.65 -3.94
C TRP B 183 -8.05 -10.30 -2.86
N ASP B 184 -7.45 -10.58 -1.71
CA ASP B 184 -8.21 -11.21 -0.62
C ASP B 184 -9.02 -10.17 0.13
N ASP B 185 -9.84 -10.64 1.06
CA ASP B 185 -10.87 -9.79 1.64
C ASP B 185 -10.38 -8.81 2.70
N THR B 186 -9.09 -8.88 3.06
CA THR B 186 -8.51 -8.01 4.09
C THR B 186 -8.55 -6.54 3.66
N TYR B 187 -8.75 -6.33 2.36
CA TYR B 187 -8.81 -4.99 1.80
C TYR B 187 -10.24 -4.44 1.69
N ASP B 188 -11.21 -5.33 1.85
CA ASP B 188 -12.63 -4.99 1.77
C ASP B 188 -13.01 -3.96 2.81
N TYR B 189 -13.98 -3.12 2.47
CA TYR B 189 -14.54 -2.21 3.47
C TYR B 189 -15.97 -1.86 3.13
N TRP B 190 -16.79 -1.67 4.16
CA TRP B 190 -18.20 -1.32 3.97
C TRP B 190 -18.37 0.18 3.75
N CYS B 191 -19.30 0.57 2.88
CA CYS B 191 -19.74 1.97 2.83
C CYS B 191 -21.19 2.21 2.35
N ASP B 192 -21.55 3.48 2.24
CA ASP B 192 -22.83 3.87 1.68
C ASP B 192 -22.61 4.52 0.30
N PRO B 193 -23.69 4.93 -0.38
CA PRO B 193 -23.56 5.54 -1.70
C PRO B 193 -22.85 6.89 -1.69
N SER B 194 -22.73 7.52 -0.52
CA SER B 194 -22.11 8.84 -0.43
C SER B 194 -20.60 8.75 -0.24
N SER B 195 -20.10 7.55 0.03
CA SER B 195 -18.68 7.36 0.29
C SER B 195 -17.80 8.10 -0.71
N PRO B 196 -16.82 8.86 -0.19
CA PRO B 196 -15.83 9.53 -1.05
C PRO B 196 -14.84 8.59 -1.74
N TYR B 197 -14.77 7.32 -1.33
CA TYR B 197 -13.69 6.43 -1.80
C TYR B 197 -14.03 5.59 -3.04
N ILE B 198 -15.24 5.78 -3.57
CA ILE B 198 -15.77 4.94 -4.64
C ILE B 198 -16.18 5.80 -5.83
N HIS B 199 -16.03 5.23 -7.03
CA HIS B 199 -16.37 5.91 -8.26
C HIS B 199 -16.92 4.91 -9.27
N PRO B 200 -17.70 5.38 -10.24
CA PRO B 200 -18.22 4.49 -11.28
C PRO B 200 -17.13 3.93 -12.19
N VAL B 201 -17.43 2.80 -12.81
CA VAL B 201 -16.66 2.26 -13.89
C VAL B 201 -16.40 3.38 -14.90
N GLY B 202 -15.12 3.62 -15.19
CA GLY B 202 -14.70 4.55 -16.23
C GLY B 202 -14.22 5.89 -15.68
N TRP B 203 -14.35 6.05 -14.37
CA TRP B 203 -14.03 7.30 -13.71
C TRP B 203 -12.56 7.62 -13.84
N CYS B 204 -11.69 6.63 -13.69
CA CYS B 204 -10.25 6.86 -13.83
C CYS B 204 -9.88 7.39 -15.22
N GLN B 205 -10.56 6.87 -16.24
CA GLN B 205 -10.27 7.20 -17.61
C GLN B 205 -10.67 8.66 -17.86
N LYS B 206 -11.88 9.01 -17.43
CA LYS B 206 -12.42 10.33 -17.59
C LYS B 206 -11.66 11.38 -16.81
N GLN B 207 -10.91 10.96 -15.79
CA GLN B 207 -10.15 11.88 -14.95
C GLN B 207 -8.63 11.92 -15.26
N GLY B 208 -8.21 11.19 -16.28
CA GLY B 208 -6.78 11.08 -16.64
C GLY B 208 -5.91 10.36 -15.59
N LYS B 209 -6.55 9.59 -14.71
CA LYS B 209 -5.84 8.86 -13.66
C LYS B 209 -5.60 7.39 -14.05
N PRO B 210 -4.52 6.78 -13.55
CA PRO B 210 -4.26 5.35 -13.84
C PRO B 210 -5.14 4.42 -12.99
N LEU B 211 -5.41 3.22 -13.49
CA LEU B 211 -6.33 2.28 -12.84
C LEU B 211 -5.64 0.97 -12.54
N THR B 212 -5.75 0.49 -11.31
CA THR B 212 -5.16 -0.80 -10.93
C THR B 212 -6.13 -1.94 -11.24
N PRO B 213 -5.79 -2.78 -12.23
CA PRO B 213 -6.56 -3.97 -12.59
C PRO B 213 -6.49 -5.05 -11.51
N PRO B 214 -7.30 -6.11 -11.63
CA PRO B 214 -7.26 -7.21 -10.68
C PRO B 214 -5.88 -7.85 -10.61
N GLN B 215 -5.48 -8.29 -9.42
CA GLN B 215 -4.22 -9.01 -9.22
C GLN B 215 -4.06 -10.12 -10.25
N ASP B 216 -2.85 -10.22 -10.82
CA ASP B 216 -2.52 -11.23 -11.82
C ASP B 216 -3.57 -11.30 -12.93
N TYR B 217 -4.10 -10.15 -13.32
CA TYR B 217 -4.95 -10.13 -14.50
C TYR B 217 -4.02 -10.37 -15.69
N PRO B 218 -4.37 -11.35 -16.55
CA PRO B 218 -3.55 -11.61 -17.74
C PRO B 218 -3.47 -10.36 -18.62
N ASP B 219 -2.24 -9.91 -18.88
CA ASP B 219 -1.93 -8.75 -19.75
C ASP B 219 -2.39 -7.41 -19.14
N PRO B 220 -1.70 -6.95 -18.08
CA PRO B 220 -2.17 -5.84 -17.25
C PRO B 220 -2.42 -4.45 -17.88
N ASP B 221 -1.65 -4.01 -18.88
CA ASP B 221 -1.89 -2.66 -19.44
C ASP B 221 -2.96 -2.61 -20.53
N ASN B 222 -3.37 -3.78 -21.00
CA ASN B 222 -4.51 -3.85 -21.93
C ASN B 222 -5.86 -4.09 -21.23
N PHE B 223 -5.90 -4.01 -19.90
CA PHE B 223 -7.14 -4.15 -19.17
C PHE B 223 -8.18 -3.19 -19.74
N CYS B 224 -9.35 -3.73 -20.02
CA CYS B 224 -10.39 -2.97 -20.66
C CYS B 224 -11.69 -3.30 -19.92
N TRP B 225 -12.34 -2.27 -19.38
CA TRP B 225 -13.57 -2.44 -18.60
C TRP B 225 -14.66 -3.14 -19.40
N GLU B 226 -14.92 -2.65 -20.61
CA GLU B 226 -15.95 -3.22 -21.45
C GLU B 226 -15.77 -4.74 -21.61
N LYS B 227 -14.53 -5.17 -21.77
CA LYS B 227 -14.24 -6.58 -21.96
C LYS B 227 -14.40 -7.36 -20.66
N TYR B 228 -13.89 -6.78 -19.57
CA TYR B 228 -13.87 -7.41 -18.26
C TYR B 228 -15.29 -7.57 -17.75
N LEU B 229 -16.12 -6.55 -17.99
CA LEU B 229 -17.54 -6.63 -17.73
C LEU B 229 -18.19 -7.79 -18.49
N GLU B 230 -17.82 -7.95 -19.75
CA GLU B 230 -18.39 -8.98 -20.58
C GLU B 230 -17.94 -10.36 -20.13
N GLU B 231 -16.64 -10.53 -19.94
CA GLU B 231 -16.11 -11.84 -19.58
C GLU B 231 -16.61 -12.27 -18.17
N THR B 232 -17.07 -11.32 -17.37
CA THR B 232 -17.50 -11.63 -15.99
C THR B 232 -19.02 -11.66 -15.82
N GLY B 233 -19.76 -11.39 -16.89
CA GLY B 233 -21.21 -11.30 -16.82
C GLY B 233 -21.69 -10.28 -15.80
N ALA B 234 -20.94 -9.20 -15.64
CA ALA B 234 -21.26 -8.18 -14.65
C ALA B 234 -21.68 -6.88 -15.29
N SER B 235 -22.40 -6.07 -14.50
CA SER B 235 -22.80 -4.72 -14.84
C SER B 235 -22.08 -3.68 -13.98
N ALA B 236 -21.89 -2.49 -14.55
CA ALA B 236 -21.44 -1.35 -13.79
C ALA B 236 -22.55 -0.88 -12.86
N VAL B 237 -22.21 -0.57 -11.61
CA VAL B 237 -23.09 0.23 -10.78
C VAL B 237 -23.37 1.48 -11.61
N PRO B 238 -24.66 1.87 -11.76
CA PRO B 238 -24.95 3.04 -12.60
C PRO B 238 -24.40 4.34 -12.00
N THR B 239 -23.94 5.25 -12.86
CA THR B 239 -23.34 6.52 -12.45
C THR B 239 -24.18 7.33 -11.47
N TRP B 240 -25.50 7.27 -11.62
CA TRP B 240 -26.40 8.07 -10.80
C TRP B 240 -26.52 7.59 -9.36
N ALA B 241 -25.98 6.42 -9.05
CA ALA B 241 -26.17 5.87 -7.70
C ALA B 241 -25.18 6.52 -6.74
N PHE B 242 -24.02 6.91 -7.26
CA PHE B 242 -22.95 7.50 -6.48
C PHE B 242 -23.37 8.90 -6.09
N LYS B 243 -23.53 9.11 -4.78
CA LYS B 243 -24.03 10.38 -4.25
C LYS B 243 -22.90 11.26 -3.75
N VAL B 244 -23.21 12.53 -3.58
CA VAL B 244 -22.20 13.54 -3.24
C VAL B 244 -22.22 13.69 -1.73
N ARG B 245 -21.09 13.46 -1.08
CA ARG B 245 -21.01 13.72 0.35
C ARG B 245 -20.49 15.13 0.62
N PRO B 246 -21.29 15.96 1.35
CA PRO B 246 -20.79 17.27 1.75
C PRO B 246 -19.60 17.11 2.70
N PRO B 247 -18.62 18.03 2.65
CA PRO B 247 -17.47 17.91 3.55
C PRO B 247 -17.88 18.24 4.98
N HIS B 248 -17.18 17.68 5.97
CA HIS B 248 -17.48 17.95 7.39
C HIS B 248 -17.04 19.38 7.76
N SER B 249 -17.59 19.90 8.87
CA SER B 249 -17.29 21.26 9.33
C SER B 249 -16.41 21.28 10.58
N PHE B 250 -15.67 20.21 10.82
CA PHE B 250 -14.74 20.17 11.94
C PHE B 250 -13.56 21.07 11.63
N LEU B 251 -13.26 21.97 12.57
CA LEU B 251 -12.17 22.93 12.40
C LEU B 251 -11.04 22.58 13.32
N VAL B 252 -9.81 22.81 12.85
CA VAL B 252 -8.63 22.59 13.63
C VAL B 252 -8.80 23.19 15.04
N ASN B 253 -8.29 22.48 16.04
CA ASN B 253 -8.34 22.88 17.47
C ASN B 253 -9.62 22.58 18.25
N MET B 254 -10.66 22.17 17.54
CA MET B 254 -11.89 21.66 18.15
C MET B 254 -11.66 20.39 19.01
N LYS B 255 -12.35 20.35 20.15
CA LYS B 255 -12.20 19.25 21.07
C LYS B 255 -13.41 18.33 21.09
N LEU B 256 -13.14 17.03 21.29
CA LEU B 256 -14.14 15.95 21.20
C LEU B 256 -13.66 14.74 22.01
N GLU B 257 -14.40 13.64 21.93
CA GLU B 257 -13.98 12.38 22.58
C GLU B 257 -13.66 11.33 21.52
N ALA B 258 -12.62 10.52 21.76
CA ALA B 258 -12.18 9.55 20.75
C ALA B 258 -11.65 8.29 21.38
N VAL B 259 -11.94 7.15 20.75
CA VAL B 259 -11.50 5.86 21.25
C VAL B 259 -10.03 5.69 20.97
N ASP B 260 -9.27 5.33 22.01
CA ASP B 260 -7.84 5.08 21.92
C ASP B 260 -7.59 3.93 20.97
N ARG B 261 -6.45 3.95 20.29
CA ARG B 261 -6.17 2.91 19.31
C ARG B 261 -5.37 1.76 19.88
N ARG B 262 -4.48 2.03 20.83
CA ARG B 262 -3.67 0.99 21.48
C ARG B 262 -4.52 0.20 22.47
N ASN B 263 -5.46 0.88 23.11
CA ASN B 263 -6.32 0.25 24.08
C ASN B 263 -7.78 0.61 23.84
N PRO B 264 -8.45 -0.10 22.91
CA PRO B 264 -9.81 0.24 22.45
C PRO B 264 -10.89 0.33 23.55
N ALA B 265 -10.56 -0.07 24.77
CA ALA B 265 -11.46 0.07 25.92
C ALA B 265 -11.49 1.52 26.46
N LEU B 266 -10.48 2.31 26.15
CA LEU B 266 -10.38 3.67 26.64
C LEU B 266 -10.94 4.71 25.67
N ILE B 267 -11.64 5.68 26.22
CA ILE B 267 -11.96 6.87 25.45
C ILE B 267 -11.18 8.03 26.05
N ARG B 268 -10.55 8.83 25.19
CA ARG B 268 -9.77 9.97 25.67
C ARG B 268 -10.29 11.25 25.13
N VAL B 269 -9.88 12.33 25.82
CA VAL B 269 -10.06 13.70 25.35
C VAL B 269 -9.23 13.90 24.09
N ALA B 270 -9.83 14.50 23.07
CA ALA B 270 -9.14 14.64 21.80
C ALA B 270 -9.25 16.02 21.22
N SER B 271 -8.32 16.36 20.35
CA SER B 271 -8.34 17.61 19.61
C SER B 271 -8.21 17.30 18.13
N VAL B 272 -8.75 18.18 17.30
CA VAL B 272 -8.58 18.08 15.86
C VAL B 272 -7.21 18.67 15.48
N GLU B 273 -6.28 17.79 15.17
CA GLU B 273 -4.95 18.22 14.76
C GLU B 273 -4.92 18.80 13.35
N ASP B 274 -5.79 18.28 12.46
CA ASP B 274 -5.80 18.69 11.05
C ASP B 274 -7.16 18.35 10.40
N VAL B 275 -7.39 18.86 9.19
CA VAL B 275 -8.60 18.53 8.43
C VAL B 275 -8.34 18.24 6.97
N GLU B 276 -9.07 17.29 6.42
CA GLU B 276 -9.26 17.17 4.99
C GLU B 276 -10.75 17.42 4.77
N ASP B 277 -11.29 17.00 3.64
CA ASP B 277 -12.71 17.15 3.37
C ASP B 277 -13.58 16.15 4.14
N HIS B 278 -13.06 14.94 4.29
CA HIS B 278 -13.84 13.83 4.83
C HIS B 278 -13.14 13.17 5.99
N ARG B 279 -11.99 13.74 6.38
CA ARG B 279 -11.22 13.22 7.49
C ARG B 279 -10.75 14.30 8.44
N ILE B 280 -10.54 13.90 9.69
CA ILE B 280 -9.89 14.74 10.66
C ILE B 280 -8.66 14.00 11.17
N LYS B 281 -7.67 14.74 11.69
CA LYS B 281 -6.53 14.11 12.38
C LYS B 281 -6.76 14.24 13.88
N ILE B 282 -6.71 13.11 14.56
CA ILE B 282 -6.95 13.08 15.99
C ILE B 282 -5.64 13.27 16.75
N HIS B 283 -5.67 14.14 17.75
CA HIS B 283 -4.61 14.22 18.73
C HIS B 283 -5.20 13.98 20.12
N PHE B 284 -4.51 13.15 20.89
CA PHE B 284 -4.89 12.86 22.26
C PHE B 284 -4.22 13.83 23.23
N ASP B 285 -4.94 14.88 23.62
CA ASP B 285 -4.45 15.95 24.51
C ASP B 285 -3.50 15.45 25.59
N GLY B 286 -2.28 15.99 25.57
CA GLY B 286 -1.28 15.67 26.58
C GLY B 286 -0.39 14.50 26.24
N TRP B 287 -0.69 13.79 25.16
CA TRP B 287 0.14 12.68 24.71
C TRP B 287 1.03 13.12 23.55
N SER B 288 2.07 12.33 23.28
CA SER B 288 2.95 12.54 22.12
C SER B 288 2.14 12.63 20.82
N HIS B 289 2.55 13.54 19.95
CA HIS B 289 1.89 13.71 18.64
C HIS B 289 2.14 12.51 17.74
N GLY B 290 3.04 11.63 18.16
CA GLY B 290 3.29 10.36 17.45
C GLY B 290 2.12 9.40 17.51
N TYR B 291 1.23 9.59 18.47
CA TYR B 291 0.01 8.80 18.53
C TYR B 291 -1.09 9.35 17.62
N ASP B 292 -0.83 10.46 16.92
CA ASP B 292 -1.85 11.06 16.06
C ASP B 292 -2.19 10.20 14.85
N PHE B 293 -3.47 10.16 14.50
CA PHE B 293 -3.93 9.34 13.38
C PHE B 293 -5.05 10.03 12.61
N TRP B 294 -5.19 9.67 11.35
CA TRP B 294 -6.30 10.12 10.51
C TRP B 294 -7.48 9.15 10.63
N ILE B 295 -8.69 9.69 10.53
CA ILE B 295 -9.92 8.93 10.69
C ILE B 295 -11.01 9.63 9.90
N ASP B 296 -11.92 8.85 9.32
CA ASP B 296 -13.03 9.43 8.55
C ASP B 296 -14.00 10.06 9.50
N ALA B 297 -14.62 11.15 9.08
CA ALA B 297 -15.53 11.89 9.99
C ALA B 297 -16.76 11.07 10.39
N ASP B 298 -17.09 10.04 9.62
CA ASP B 298 -18.26 9.21 9.93
C ASP B 298 -17.91 7.99 10.75
N HIS B 299 -16.67 7.91 11.22
CA HIS B 299 -16.22 6.75 11.99
C HIS B 299 -16.95 6.64 13.32
N PRO B 300 -17.47 5.44 13.64
CA PRO B 300 -18.24 5.27 14.87
C PRO B 300 -17.47 5.52 16.18
N ASP B 301 -16.16 5.72 16.11
CA ASP B 301 -15.38 5.88 17.33
C ASP B 301 -14.92 7.29 17.67
N ILE B 302 -15.58 8.28 17.12
CA ILE B 302 -15.45 9.64 17.61
C ILE B 302 -16.83 10.14 18.03
N HIS B 303 -16.86 11.01 19.03
CA HIS B 303 -18.10 11.44 19.69
C HIS B 303 -17.92 12.86 20.23
N PRO B 304 -19.02 13.61 20.40
CA PRO B 304 -18.94 14.96 20.98
C PRO B 304 -18.67 14.92 22.47
N ALA B 305 -18.01 15.96 22.98
CA ALA B 305 -17.82 16.12 24.40
C ALA B 305 -19.15 15.93 25.12
N GLY B 306 -19.10 15.22 26.25
CA GLY B 306 -20.32 14.88 27.00
C GLY B 306 -20.76 13.43 26.83
N TRP B 307 -20.31 12.79 25.75
CA TRP B 307 -20.73 11.45 25.36
C TRP B 307 -20.44 10.41 26.42
N CYS B 308 -19.18 10.33 26.83
CA CYS B 308 -18.80 9.40 27.89
C CYS B 308 -19.64 9.64 29.12
N SER B 309 -19.73 10.90 29.52
CA SER B 309 -20.48 11.28 30.70
C SER B 309 -21.94 10.82 30.65
N LYS B 310 -22.65 11.15 29.57
CA LYS B 310 -24.09 10.85 29.49
C LYS B 310 -24.43 9.39 29.29
N THR B 311 -23.52 8.63 28.65
CA THR B 311 -23.73 7.20 28.35
C THR B 311 -23.17 6.28 29.44
N GLY B 312 -22.45 6.84 30.40
CA GLY B 312 -21.88 6.07 31.50
C GLY B 312 -20.61 5.28 31.18
N HIS B 313 -19.66 5.92 30.49
CA HIS B 313 -18.39 5.31 30.14
C HIS B 313 -17.26 6.23 30.65
N PRO B 314 -16.25 5.65 31.33
CA PRO B 314 -15.15 6.48 31.83
C PRO B 314 -14.43 7.23 30.70
N LEU B 315 -14.07 8.49 30.96
CA LEU B 315 -13.31 9.29 30.01
C LEU B 315 -11.92 9.52 30.55
N GLN B 316 -10.90 9.30 29.74
CA GLN B 316 -9.53 9.63 30.13
C GLN B 316 -9.29 11.12 29.92
N PRO B 317 -8.92 11.84 30.99
CA PRO B 317 -8.54 13.24 30.85
C PRO B 317 -7.16 13.32 30.23
N PRO B 318 -6.71 14.53 29.83
CA PRO B 318 -5.34 14.74 29.35
C PRO B 318 -4.28 14.17 30.28
N LEU B 319 -3.17 13.68 29.73
CA LEU B 319 -2.03 13.22 30.54
C LEU B 319 -1.28 14.44 31.11
N GLY B 320 -0.99 14.42 32.41
CA GLY B 320 -0.27 15.52 33.08
C GLY B 320 1.19 15.63 32.67
N TRP C 7 14.96 -3.95 43.99
CA TRP C 7 13.96 -4.29 42.92
C TRP C 7 13.65 -5.79 42.88
N SER C 8 12.35 -6.11 42.82
CA SER C 8 11.89 -7.48 42.70
C SER C 8 10.68 -7.58 41.78
N TRP C 9 10.46 -8.76 41.22
CA TRP C 9 9.33 -8.99 40.33
C TRP C 9 8.03 -8.85 41.10
N GLU C 10 7.97 -9.49 42.27
CA GLU C 10 6.75 -9.58 43.06
C GLU C 10 6.09 -8.23 43.33
N SER C 11 6.88 -7.23 43.76
CA SER C 11 6.31 -5.93 44.14
C SER C 11 5.98 -5.04 42.95
N TYR C 12 6.78 -5.15 41.90
CA TYR C 12 6.53 -4.45 40.64
C TYR C 12 5.21 -4.90 40.00
N LEU C 13 4.91 -6.19 40.16
CA LEU C 13 3.64 -6.77 39.68
C LEU C 13 2.40 -6.20 40.41
N GLU C 14 2.57 -5.87 41.69
CA GLU C 14 1.53 -5.21 42.48
C GLU C 14 1.27 -3.79 42.01
N GLU C 15 2.33 -2.97 41.98
CA GLU C 15 2.20 -1.57 41.60
C GLU C 15 1.67 -1.35 40.16
N GLN C 16 1.77 -2.38 39.32
CA GLN C 16 1.27 -2.31 37.94
C GLN C 16 0.02 -3.17 37.72
N LYS C 17 -0.45 -3.79 38.82
CA LYS C 17 -1.60 -4.71 38.84
C LYS C 17 -1.58 -5.78 37.70
N ALA C 18 -0.38 -6.26 37.38
CA ALA C 18 -0.17 -7.16 36.23
C ALA C 18 0.40 -8.52 36.59
N ILE C 19 0.43 -9.42 35.59
CA ILE C 19 1.01 -10.75 35.76
C ILE C 19 2.17 -10.98 34.81
N THR C 20 3.03 -11.93 35.16
CA THR C 20 4.10 -12.35 34.27
C THR C 20 3.56 -13.49 33.41
N ALA C 21 3.99 -13.54 32.15
CA ALA C 21 3.69 -14.70 31.32
C ALA C 21 4.15 -15.92 32.11
N PRO C 22 3.24 -16.87 32.32
CA PRO C 22 3.54 -18.02 33.17
C PRO C 22 4.43 -19.01 32.46
N VAL C 23 5.13 -19.83 33.25
CA VAL C 23 6.16 -20.70 32.72
C VAL C 23 5.66 -21.68 31.63
N SER C 24 4.43 -22.15 31.75
CA SER C 24 3.88 -23.13 30.82
C SER C 24 3.76 -22.60 29.41
N LEU C 25 3.66 -21.28 29.30
CA LEU C 25 3.58 -20.61 28.00
C LEU C 25 4.84 -20.80 27.13
N PHE C 26 5.99 -21.00 27.77
CA PHE C 26 7.29 -21.08 27.09
C PHE C 26 7.68 -22.51 26.79
N GLN C 27 8.57 -22.67 25.81
CA GLN C 27 9.26 -23.93 25.55
C GLN C 27 10.20 -24.28 26.70
N ASP C 28 10.30 -25.57 27.01
CA ASP C 28 11.23 -26.05 28.04
C ASP C 28 12.63 -25.49 27.87
N SER C 29 13.08 -25.30 26.63
CA SER C 29 14.42 -24.76 26.45
C SER C 29 14.57 -23.28 26.82
N GLN C 30 13.51 -22.49 26.62
CA GLN C 30 13.51 -21.08 27.00
C GLN C 30 13.44 -20.91 28.51
N ALA C 31 12.83 -21.88 29.19
CA ALA C 31 12.46 -21.72 30.59
C ALA C 31 13.51 -22.26 31.56
N VAL C 32 14.21 -23.33 31.16
CA VAL C 32 15.12 -24.06 32.06
C VAL C 32 16.20 -23.18 32.70
N THR C 33 16.26 -23.24 34.03
CA THR C 33 17.20 -22.42 34.80
C THR C 33 18.17 -23.24 35.63
N HIS C 34 17.92 -24.54 35.80
CA HIS C 34 18.76 -25.35 36.70
C HIS C 34 20.02 -25.99 36.04
N ASN C 35 20.15 -25.92 34.72
CA ASN C 35 21.40 -26.36 34.08
C ASN C 35 22.47 -25.34 34.35
N LYS C 36 23.63 -25.83 34.77
CA LYS C 36 24.74 -24.93 35.05
C LYS C 36 25.51 -24.69 33.77
N ASN C 37 26.13 -23.51 33.67
CA ASN C 37 26.90 -23.15 32.49
C ASN C 37 28.31 -23.66 32.59
N GLY C 38 28.57 -24.76 31.88
CA GLY C 38 29.86 -25.44 31.93
C GLY C 38 30.90 -24.79 31.04
N PHE C 39 30.49 -23.88 30.15
CA PHE C 39 31.45 -23.21 29.26
C PHE C 39 32.47 -22.32 29.99
N LYS C 40 33.73 -22.40 29.59
CA LYS C 40 34.77 -21.59 30.23
C LYS C 40 35.49 -20.66 29.25
N LEU C 41 36.13 -19.62 29.76
CA LEU C 41 36.85 -18.67 28.90
C LEU C 41 37.93 -19.40 28.11
N GLY C 42 38.07 -19.06 26.83
CA GLY C 42 39.12 -19.62 25.98
C GLY C 42 38.79 -20.93 25.28
N MET C 43 37.73 -21.59 25.73
CA MET C 43 37.30 -22.84 25.17
C MET C 43 36.88 -22.68 23.73
N LYS C 44 37.29 -23.63 22.89
CA LYS C 44 37.01 -23.58 21.46
C LYS C 44 35.99 -24.64 21.05
N LEU C 45 35.23 -24.33 20.00
CA LEU C 45 34.08 -25.14 19.57
C LEU C 45 33.70 -24.74 18.13
N GLU C 46 32.66 -25.37 17.59
CA GLU C 46 32.15 -25.07 16.25
C GLU C 46 30.72 -24.51 16.35
N GLY C 47 30.35 -23.58 15.47
CA GLY C 47 28.97 -23.06 15.42
C GLY C 47 28.57 -22.40 14.11
N ILE C 48 27.28 -22.10 13.95
CA ILE C 48 26.77 -21.42 12.75
C ILE C 48 27.03 -19.92 12.85
N ASP C 49 27.13 -19.27 11.70
CA ASP C 49 27.21 -17.81 11.66
C ASP C 49 25.77 -17.34 11.65
N PRO C 50 25.36 -16.56 12.66
CA PRO C 50 23.93 -16.20 12.68
C PRO C 50 23.53 -15.35 11.46
N GLN C 51 24.53 -14.75 10.80
CA GLN C 51 24.32 -13.97 9.58
C GLN C 51 24.15 -14.87 8.35
N HIS C 52 24.85 -16.00 8.35
CA HIS C 52 24.86 -16.96 7.25
C HIS C 52 24.54 -18.33 7.88
N PRO C 53 23.25 -18.57 8.16
CA PRO C 53 22.75 -19.72 8.93
C PRO C 53 23.17 -21.11 8.43
N SER C 54 23.72 -21.21 7.21
CA SER C 54 24.11 -22.50 6.67
C SER C 54 25.61 -22.76 6.80
N MET C 55 26.35 -21.79 7.31
CA MET C 55 27.80 -21.89 7.34
C MET C 55 28.38 -22.06 8.74
N TYR C 56 29.33 -22.97 8.87
CA TYR C 56 29.92 -23.29 10.16
C TYR C 56 31.34 -22.78 10.30
N PHE C 57 31.63 -22.12 11.42
CA PHE C 57 32.95 -21.57 11.74
C PHE C 57 33.46 -22.11 13.05
N ILE C 58 34.77 -22.06 13.22
CA ILE C 58 35.41 -22.30 14.50
C ILE C 58 35.17 -21.06 15.38
N LEU C 59 34.79 -21.31 16.62
CA LEU C 59 34.41 -20.25 17.52
C LEU C 59 35.08 -20.44 18.87
N THR C 60 35.37 -19.33 19.54
CA THR C 60 35.93 -19.33 20.90
C THR C 60 35.02 -18.62 21.90
N VAL C 61 34.98 -19.13 23.13
CA VAL C 61 34.22 -18.49 24.19
C VAL C 61 34.97 -17.25 24.69
N ALA C 62 34.40 -16.08 24.46
CA ALA C 62 35.08 -14.84 24.81
C ALA C 62 34.58 -14.24 26.12
N GLU C 63 33.37 -14.66 26.54
CA GLU C 63 32.70 -14.18 27.77
C GLU C 63 31.54 -15.08 28.13
N VAL C 64 31.28 -15.20 29.43
CA VAL C 64 30.17 -15.96 29.95
C VAL C 64 29.41 -15.04 30.90
N CYS C 65 28.09 -15.05 30.81
CA CYS C 65 27.28 -14.30 31.74
C CYS C 65 26.03 -15.11 32.05
N GLY C 66 25.95 -15.66 33.24
CA GLY C 66 24.82 -16.53 33.57
C GLY C 66 24.82 -17.75 32.68
N TYR C 67 23.67 -18.02 32.07
CA TYR C 67 23.49 -19.15 31.18
C TYR C 67 23.76 -18.72 29.74
N ARG C 68 24.33 -17.53 29.57
CA ARG C 68 24.66 -17.07 28.21
C ARG C 68 26.16 -17.05 27.95
N LEU C 69 26.53 -17.04 26.68
CA LEU C 69 27.94 -16.84 26.33
C LEU C 69 28.19 -16.01 25.06
N ARG C 70 29.26 -15.24 25.08
CA ARG C 70 29.67 -14.44 23.93
C ARG C 70 30.70 -15.20 23.12
N LEU C 71 30.40 -15.38 21.84
CA LEU C 71 31.22 -16.22 20.95
C LEU C 71 31.97 -15.35 19.96
N HIS C 72 33.21 -15.73 19.68
CA HIS C 72 34.08 -14.96 18.80
C HIS C 72 34.51 -15.83 17.62
N PHE C 73 34.60 -15.22 16.43
CA PHE C 73 35.08 -15.88 15.22
C PHE C 73 36.62 -15.82 15.17
N ASP C 74 37.26 -16.94 15.44
CA ASP C 74 38.71 -17.03 15.44
C ASP C 74 39.35 -16.35 14.23
N GLY C 75 40.32 -15.47 14.47
CA GLY C 75 41.08 -14.83 13.39
C GLY C 75 40.48 -13.57 12.82
N TYR C 76 39.17 -13.39 13.04
CA TYR C 76 38.41 -12.20 12.63
C TYR C 76 38.29 -11.16 13.74
N SER C 77 37.71 -10.02 13.40
CA SER C 77 37.48 -8.93 14.36
C SER C 77 36.43 -9.25 15.42
N GLU C 78 36.53 -8.57 16.56
CA GLU C 78 35.66 -8.79 17.71
C GLU C 78 34.28 -8.16 17.53
N CYS C 79 34.15 -7.22 16.60
CA CYS C 79 32.86 -6.60 16.37
C CYS C 79 31.79 -7.62 15.94
N HIS C 80 32.22 -8.76 15.39
CA HIS C 80 31.33 -9.83 14.96
C HIS C 80 30.97 -10.87 16.03
N ASP C 81 31.52 -10.72 17.25
CA ASP C 81 31.14 -11.54 18.39
C ASP C 81 29.62 -11.52 18.55
N PHE C 82 29.04 -12.62 19.03
CA PHE C 82 27.58 -12.68 19.25
C PHE C 82 27.19 -13.53 20.47
N TRP C 83 25.97 -13.33 20.95
CA TRP C 83 25.51 -14.05 22.13
C TRP C 83 24.56 -15.21 21.81
N VAL C 84 24.83 -16.35 22.43
CA VAL C 84 23.93 -17.52 22.42
C VAL C 84 23.76 -17.97 23.85
N ASN C 85 22.76 -18.81 24.05
CA ASN C 85 22.56 -19.47 25.32
C ASN C 85 23.37 -20.75 25.39
N ALA C 86 23.73 -21.18 26.60
CA ALA C 86 24.51 -22.41 26.76
C ALA C 86 23.78 -23.65 26.23
N ASN C 87 22.46 -23.60 26.15
CA ASN C 87 21.68 -24.73 25.58
C ASN C 87 21.31 -24.53 24.12
N SER C 88 22.00 -23.61 23.45
CA SER C 88 21.84 -23.41 22.01
C SER C 88 22.13 -24.68 21.20
N PRO C 89 21.27 -24.98 20.20
CA PRO C 89 21.53 -26.08 19.24
C PRO C 89 22.40 -25.65 18.06
N ASP C 90 22.79 -24.37 18.04
CA ASP C 90 23.52 -23.82 16.91
C ASP C 90 25.03 -23.84 17.18
N ILE C 91 25.43 -24.59 18.21
CA ILE C 91 26.85 -24.80 18.49
C ILE C 91 27.13 -26.29 18.67
N HIS C 92 28.37 -26.70 18.40
CA HIS C 92 28.76 -28.11 18.39
C HIS C 92 30.22 -28.20 18.81
N PRO C 93 30.63 -29.36 19.36
CA PRO C 93 32.01 -29.51 19.83
C PRO C 93 32.99 -29.65 18.68
N ALA C 94 34.27 -29.43 18.96
CA ALA C 94 35.34 -29.76 18.02
C ALA C 94 35.15 -31.13 17.36
N GLY C 95 35.30 -31.17 16.03
CA GLY C 95 35.27 -32.43 15.28
C GLY C 95 33.91 -32.75 14.68
N TRP C 96 32.86 -32.09 15.17
CA TRP C 96 31.51 -32.31 14.68
C TRP C 96 31.30 -32.17 13.17
N PHE C 97 31.95 -31.19 12.54
CA PHE C 97 31.75 -30.98 11.10
C PHE C 97 32.12 -32.24 10.30
N GLU C 98 33.32 -32.75 10.55
CA GLU C 98 33.85 -33.95 9.89
C GLU C 98 33.00 -35.18 10.12
N LYS C 99 32.43 -35.29 11.32
CA LYS C 99 31.69 -36.48 11.73
C LYS C 99 30.25 -36.55 11.24
N THR C 100 29.73 -35.44 10.74
CA THR C 100 28.30 -35.33 10.42
C THR C 100 28.02 -34.78 9.02
N GLY C 101 29.07 -34.58 8.23
CA GLY C 101 28.94 -34.18 6.83
C GLY C 101 28.83 -32.70 6.56
N HIS C 102 29.48 -31.89 7.40
CA HIS C 102 29.34 -30.44 7.31
C HIS C 102 30.62 -29.72 6.92
N LYS C 103 30.46 -28.61 6.21
CA LYS C 103 31.61 -27.81 5.78
C LYS C 103 32.03 -26.85 6.89
N LEU C 104 33.32 -26.83 7.21
CA LEU C 104 33.85 -25.86 8.17
C LEU C 104 34.68 -24.75 7.53
N GLN C 105 34.28 -23.50 7.72
CA GLN C 105 35.11 -22.36 7.33
C GLN C 105 36.26 -22.20 8.33
N PRO C 106 37.51 -22.32 7.85
CA PRO C 106 38.65 -22.23 8.76
C PRO C 106 38.96 -20.76 9.06
N PRO C 107 39.72 -20.48 10.13
CA PRO C 107 39.98 -19.11 10.58
C PRO C 107 40.69 -18.27 9.54
N LYS C 108 40.44 -16.96 9.56
CA LYS C 108 41.01 -16.02 8.59
C LYS C 108 42.48 -16.38 8.37
N GLY C 109 42.83 -16.73 7.13
CA GLY C 109 44.21 -17.12 6.79
C GLY C 109 44.56 -18.60 6.95
N TYR C 110 43.66 -19.47 6.52
CA TYR C 110 43.90 -20.92 6.47
C TYR C 110 43.39 -21.48 5.13
N LYS C 111 44.26 -22.15 4.37
CA LYS C 111 43.92 -22.63 3.03
C LYS C 111 43.07 -23.90 3.03
N GLU C 114 42.12 -28.54 4.52
CA GLU C 114 43.50 -28.34 4.96
C GLU C 114 43.62 -28.21 6.51
N PHE C 115 42.52 -27.84 7.18
CA PHE C 115 42.53 -27.53 8.62
C PHE C 115 42.30 -28.75 9.54
N SER C 116 43.13 -28.92 10.56
CA SER C 116 42.88 -29.92 11.61
C SER C 116 42.87 -29.33 13.02
N TRP C 117 41.95 -29.85 13.84
CA TRP C 117 41.77 -29.46 15.22
C TRP C 117 42.99 -29.75 16.10
N SER C 118 43.50 -30.97 16.00
CA SER C 118 44.55 -31.42 16.88
C SER C 118 45.81 -30.58 16.69
N GLN C 119 46.06 -30.18 15.45
CA GLN C 119 47.15 -29.26 15.14
C GLN C 119 46.84 -27.85 15.68
N TYR C 120 45.62 -27.39 15.45
CA TYR C 120 45.20 -26.05 15.88
C TYR C 120 45.24 -25.90 17.39
N LEU C 121 44.76 -26.93 18.09
CA LEU C 121 44.81 -26.99 19.55
C LEU C 121 46.25 -26.96 20.02
N ARG C 122 47.13 -27.58 19.25
CA ARG C 122 48.53 -27.63 19.56
C ARG C 122 49.17 -26.24 19.38
N SER C 123 48.87 -25.58 18.26
CA SER C 123 49.39 -24.21 17.99
C SER C 123 48.94 -23.14 18.98
N THR C 124 47.68 -23.24 19.43
CA THR C 124 47.07 -22.21 20.28
C THR C 124 47.16 -22.56 21.75
N ARG C 125 47.47 -23.82 22.06
CA ARG C 125 47.50 -24.34 23.43
C ARG C 125 46.13 -24.28 24.09
N ALA C 126 45.07 -24.25 23.28
CA ALA C 126 43.72 -24.06 23.78
C ALA C 126 43.02 -25.38 24.01
N GLN C 127 41.93 -25.33 24.74
CA GLN C 127 41.17 -26.49 25.09
C GLN C 127 39.89 -26.46 24.26
N ALA C 128 39.45 -27.63 23.80
CA ALA C 128 38.15 -27.74 23.13
C ALA C 128 37.04 -27.87 24.17
N ALA C 129 35.97 -27.12 24.02
CA ALA C 129 34.85 -27.26 24.96
C ALA C 129 34.44 -28.72 24.96
N PRO C 130 34.23 -29.33 26.14
CA PRO C 130 33.90 -30.78 26.18
C PRO C 130 32.54 -31.10 25.54
N LYS C 131 32.44 -32.27 24.92
CA LYS C 131 31.22 -32.73 24.26
C LYS C 131 29.94 -32.60 25.08
N HIS C 132 30.00 -33.02 26.36
CA HIS C 132 28.79 -33.11 27.19
C HIS C 132 28.04 -31.79 27.43
N LEU C 133 28.70 -30.68 27.08
CA LEU C 133 28.09 -29.35 27.16
C LEU C 133 27.08 -29.07 26.06
N PHE C 134 27.14 -29.82 24.96
CA PHE C 134 26.34 -29.49 23.78
C PHE C 134 25.03 -30.27 23.67
N VAL C 135 23.91 -29.55 23.52
CA VAL C 135 22.59 -30.22 23.37
C VAL C 135 22.45 -30.89 21.99
N SER C 136 23.27 -30.43 21.06
CA SER C 136 23.19 -30.83 19.67
C SER C 136 24.54 -31.36 19.15
N GLN C 137 24.55 -32.66 18.82
CA GLN C 137 25.75 -33.32 18.23
C GLN C 137 25.32 -34.32 17.16
N SER C 138 24.13 -34.15 16.61
CA SER C 138 23.53 -35.11 15.67
C SER C 138 23.52 -36.54 16.22
N HIS C 139 23.20 -36.68 17.50
CA HIS C 139 23.07 -38.00 18.13
C HIS C 139 21.62 -38.40 18.43
N SER C 140 20.68 -37.47 18.18
CA SER C 140 19.28 -37.65 18.58
C SER C 140 18.31 -37.81 17.39
N PRO C 141 17.07 -38.30 17.65
CA PRO C 141 15.95 -38.39 16.71
C PRO C 141 15.87 -37.28 15.66
N PRO C 142 15.94 -37.65 14.35
CA PRO C 142 15.82 -36.71 13.23
C PRO C 142 14.39 -36.19 13.11
N PRO C 143 14.16 -35.15 12.27
CA PRO C 143 12.81 -34.67 12.05
C PRO C 143 12.10 -35.59 11.08
N LEU C 144 11.26 -36.47 11.60
CA LEU C 144 10.66 -37.54 10.81
C LEU C 144 10.09 -36.99 9.51
N GLY C 145 10.55 -37.56 8.39
CA GLY C 145 10.01 -37.24 7.06
C GLY C 145 10.75 -36.19 6.26
N PHE C 146 11.56 -35.39 6.95
CA PHE C 146 12.34 -34.33 6.31
C PHE C 146 13.74 -34.82 6.06
N GLN C 147 14.09 -34.92 4.79
CA GLN C 147 15.39 -35.45 4.39
C GLN C 147 16.09 -34.46 3.48
N VAL C 148 17.41 -34.40 3.54
CA VAL C 148 18.19 -33.52 2.65
C VAL C 148 17.82 -33.79 1.18
N GLY C 149 17.56 -32.71 0.45
CA GLY C 149 17.25 -32.80 -0.97
C GLY C 149 15.76 -32.67 -1.27
N MET C 150 14.93 -33.06 -0.30
CA MET C 150 13.47 -32.96 -0.42
C MET C 150 13.01 -31.52 -0.56
N LYS C 151 11.94 -31.30 -1.33
CA LYS C 151 11.45 -29.94 -1.60
C LYS C 151 10.16 -29.63 -0.87
N LEU C 152 9.83 -28.35 -0.82
CA LEU C 152 8.65 -27.86 -0.11
C LEU C 152 8.44 -26.37 -0.44
N GLU C 153 7.38 -25.81 0.10
CA GLU C 153 7.09 -24.39 -0.09
C GLU C 153 7.30 -23.71 1.25
N ALA C 154 7.82 -22.49 1.23
CA ALA C 154 8.22 -21.81 2.45
C ALA C 154 8.13 -20.30 2.37
N VAL C 155 7.71 -19.70 3.49
CA VAL C 155 7.69 -18.27 3.67
C VAL C 155 9.12 -17.71 3.69
N ASP C 156 9.39 -16.78 2.79
CA ASP C 156 10.58 -15.95 2.88
C ASP C 156 10.37 -15.03 4.08
N ARG C 157 11.05 -15.32 5.18
CA ARG C 157 10.84 -14.56 6.42
C ARG C 157 11.22 -13.07 6.32
N MET C 158 12.02 -12.73 5.33
CA MET C 158 12.44 -11.33 5.13
C MET C 158 11.52 -10.54 4.18
N ASN C 159 10.62 -11.25 3.51
CA ASN C 159 9.54 -10.63 2.74
C ASN C 159 8.25 -11.39 2.99
N PRO C 160 7.75 -11.34 4.24
CA PRO C 160 6.74 -12.25 4.79
C PRO C 160 5.64 -12.69 3.85
N SER C 161 5.20 -11.78 2.97
CA SER C 161 4.07 -12.06 2.08
C SER C 161 4.37 -13.11 1.00
N LEU C 162 5.65 -13.36 0.73
CA LEU C 162 6.02 -14.31 -0.32
C LEU C 162 6.19 -15.74 0.21
N VAL C 163 5.78 -16.70 -0.61
CA VAL C 163 5.92 -18.11 -0.28
C VAL C 163 6.52 -18.82 -1.48
N CYS C 164 7.72 -19.36 -1.29
CA CYS C 164 8.58 -19.73 -2.40
C CYS C 164 8.93 -21.20 -2.47
N VAL C 165 9.46 -21.61 -3.62
CA VAL C 165 10.00 -22.95 -3.83
C VAL C 165 11.27 -23.10 -2.98
N ALA C 166 11.38 -24.24 -2.28
CA ALA C 166 12.44 -24.37 -1.29
C ALA C 166 12.92 -25.80 -1.06
N SER C 167 14.14 -25.93 -0.58
CA SER C 167 14.75 -27.22 -0.29
C SER C 167 15.22 -27.34 1.16
N VAL C 168 15.16 -28.56 1.70
CA VAL C 168 15.91 -28.97 2.88
C VAL C 168 17.38 -29.19 2.48
N THR C 169 18.32 -28.45 3.07
CA THR C 169 19.74 -28.57 2.69
C THR C 169 20.65 -28.99 3.81
N ASP C 170 20.12 -29.10 5.03
CA ASP C 170 20.91 -29.52 6.19
C ASP C 170 20.00 -30.12 7.24
N VAL C 171 20.47 -31.14 7.95
CA VAL C 171 19.65 -31.80 8.96
C VAL C 171 20.49 -32.05 10.20
N VAL C 172 20.08 -31.48 11.32
CA VAL C 172 20.83 -31.60 12.57
C VAL C 172 19.82 -31.83 13.68
N ASP C 173 19.97 -32.96 14.36
CA ASP C 173 19.05 -33.37 15.41
C ASP C 173 17.61 -33.22 14.96
N SER C 174 16.85 -32.36 15.63
CA SER C 174 15.42 -32.32 15.42
C SER C 174 15.01 -31.17 14.51
N ARG C 175 16.02 -30.40 14.07
CA ARG C 175 15.78 -29.28 13.17
C ARG C 175 16.35 -29.57 11.79
N PHE C 176 15.90 -28.80 10.81
CA PHE C 176 16.42 -28.89 9.46
C PHE C 176 16.53 -27.49 8.86
N LEU C 177 17.33 -27.33 7.81
CA LEU C 177 17.61 -26.00 7.26
C LEU C 177 16.85 -25.76 5.98
N VAL C 178 16.07 -24.68 5.95
CA VAL C 178 15.29 -24.32 4.77
C VAL C 178 16.05 -23.31 3.91
N HIS C 179 16.32 -23.71 2.66
CA HIS C 179 17.03 -22.91 1.66
C HIS C 179 16.17 -22.65 0.43
N PHE C 180 16.28 -21.46 -0.14
CA PHE C 180 15.47 -21.12 -1.30
C PHE C 180 16.24 -21.32 -2.60
N ASP C 181 15.77 -22.28 -3.41
CA ASP C 181 16.43 -22.72 -4.64
C ASP C 181 16.93 -21.57 -5.50
N ASN C 182 18.23 -21.64 -5.84
CA ASN C 182 18.93 -20.65 -6.67
C ASN C 182 18.89 -19.19 -6.17
N TRP C 183 18.62 -19.01 -4.88
CA TRP C 183 18.83 -17.72 -4.22
C TRP C 183 20.04 -17.88 -3.31
N ASP C 184 20.56 -16.76 -2.80
CA ASP C 184 21.77 -16.82 -1.95
C ASP C 184 21.48 -17.37 -0.53
N ASP C 185 22.54 -17.56 0.24
CA ASP C 185 22.48 -18.20 1.55
C ASP C 185 21.69 -17.45 2.63
N THR C 186 21.68 -16.12 2.58
CA THR C 186 21.17 -15.28 3.68
C THR C 186 19.66 -15.36 3.94
N TYR C 187 18.94 -16.07 3.08
CA TYR C 187 17.50 -16.20 3.25
C TYR C 187 17.16 -17.50 3.97
N ASP C 188 18.14 -18.40 4.05
CA ASP C 188 18.02 -19.65 4.77
C ASP C 188 17.61 -19.42 6.21
N TYR C 189 16.80 -20.32 6.76
CA TYR C 189 16.54 -20.34 8.19
C TYR C 189 16.27 -21.74 8.70
N TRP C 190 16.59 -21.96 9.96
CA TRP C 190 16.37 -23.24 10.62
C TRP C 190 14.96 -23.37 11.12
N CYS C 191 14.42 -24.58 11.09
CA CYS C 191 13.15 -24.85 11.77
C CYS C 191 12.96 -26.33 12.04
N ASP C 192 11.80 -26.67 12.59
CA ASP C 192 11.45 -28.07 12.88
C ASP C 192 10.14 -28.40 12.16
N PRO C 193 9.67 -29.68 12.22
CA PRO C 193 8.46 -30.07 11.47
C PRO C 193 7.23 -29.19 11.68
N SER C 194 7.13 -28.49 12.80
CA SER C 194 5.89 -27.79 13.15
C SER C 194 5.96 -26.29 12.87
N SER C 195 7.01 -25.86 12.17
CA SER C 195 7.14 -24.45 11.87
C SER C 195 5.93 -24.00 11.05
N PRO C 196 5.32 -22.85 11.43
CA PRO C 196 4.20 -22.27 10.68
C PRO C 196 4.61 -21.54 9.38
N TYR C 197 5.90 -21.62 9.03
CA TYR C 197 6.47 -20.87 7.92
C TYR C 197 6.69 -21.76 6.71
N ILE C 198 6.29 -23.02 6.86
CA ILE C 198 6.56 -24.03 5.85
C ILE C 198 5.32 -24.87 5.52
N HIS C 199 5.24 -25.30 4.27
CA HIS C 199 4.06 -26.00 3.75
C HIS C 199 4.48 -27.06 2.74
N PRO C 200 3.62 -28.06 2.49
CA PRO C 200 4.02 -29.05 1.48
C PRO C 200 4.06 -28.48 0.05
N VAL C 201 4.76 -29.18 -0.82
CA VAL C 201 4.56 -29.05 -2.24
C VAL C 201 3.06 -29.15 -2.48
N GLY C 202 2.48 -28.14 -3.12
CA GLY C 202 1.08 -28.15 -3.48
C GLY C 202 0.20 -27.20 -2.69
N TRP C 203 0.75 -26.64 -1.61
CA TRP C 203 0.00 -25.76 -0.72
C TRP C 203 -0.56 -24.53 -1.42
N CYS C 204 0.31 -23.82 -2.13
CA CYS C 204 -0.07 -22.55 -2.76
C CYS C 204 -1.19 -22.72 -3.77
N GLN C 205 -1.14 -23.79 -4.55
CA GLN C 205 -2.14 -24.07 -5.57
C GLN C 205 -3.47 -24.46 -4.95
N LYS C 206 -3.45 -25.32 -3.92
CA LYS C 206 -4.65 -25.66 -3.15
C LYS C 206 -5.23 -24.44 -2.44
N GLN C 207 -4.46 -23.36 -2.39
CA GLN C 207 -4.88 -22.11 -1.78
C GLN C 207 -5.17 -21.04 -2.82
N GLY C 208 -4.77 -21.30 -4.06
CA GLY C 208 -4.82 -20.32 -5.14
C GLY C 208 -3.83 -19.17 -4.95
N LYS C 209 -2.80 -19.40 -4.15
CA LYS C 209 -1.85 -18.35 -3.74
C LYS C 209 -0.59 -18.31 -4.60
N PRO C 210 0.09 -17.15 -4.63
CA PRO C 210 1.23 -16.96 -5.54
C PRO C 210 2.51 -17.69 -5.11
N LEU C 211 2.88 -18.74 -5.85
CA LEU C 211 4.12 -19.48 -5.61
C LEU C 211 5.33 -18.84 -6.30
N THR C 212 6.22 -18.26 -5.51
CA THR C 212 7.43 -17.64 -6.04
C THR C 212 8.46 -18.73 -6.45
N PRO C 213 8.73 -18.86 -7.76
CA PRO C 213 9.60 -19.94 -8.26
C PRO C 213 11.09 -19.69 -7.96
N PRO C 214 11.97 -20.68 -8.23
CA PRO C 214 13.40 -20.46 -8.02
C PRO C 214 13.92 -19.35 -8.94
N GLN C 215 14.79 -18.50 -8.41
CA GLN C 215 15.31 -17.35 -9.17
C GLN C 215 15.72 -17.75 -10.58
N ASP C 216 15.22 -16.98 -11.56
CA ASP C 216 15.53 -17.16 -12.99
C ASP C 216 15.18 -18.56 -13.52
N TYR C 217 14.03 -19.09 -13.09
CA TYR C 217 13.52 -20.35 -13.63
C TYR C 217 12.95 -20.08 -15.03
N PRO C 218 13.30 -20.92 -16.02
CA PRO C 218 12.77 -20.79 -17.39
C PRO C 218 11.24 -20.80 -17.44
N ASP C 219 10.66 -19.72 -17.98
CA ASP C 219 9.20 -19.53 -18.06
C ASP C 219 8.61 -19.41 -16.65
N PRO C 220 8.88 -18.28 -15.96
CA PRO C 220 8.59 -18.14 -14.52
C PRO C 220 7.20 -18.64 -14.07
N ASP C 221 6.14 -18.01 -14.58
CA ASP C 221 4.77 -18.25 -14.10
C ASP C 221 4.27 -19.68 -14.27
N ASN C 222 4.67 -20.34 -15.35
CA ASN C 222 4.21 -21.70 -15.67
C ASN C 222 5.04 -22.80 -14.98
N PHE C 223 5.33 -22.59 -13.69
CA PHE C 223 6.18 -23.50 -12.91
C PHE C 223 5.50 -24.85 -12.64
N CYS C 224 6.17 -25.93 -12.99
CA CYS C 224 5.64 -27.26 -12.73
C CYS C 224 6.38 -27.99 -11.60
N TRP C 225 5.70 -28.15 -10.46
CA TRP C 225 6.26 -28.88 -9.33
C TRP C 225 6.73 -30.28 -9.73
N GLU C 226 5.85 -31.02 -10.44
CA GLU C 226 6.14 -32.41 -10.84
C GLU C 226 7.32 -32.53 -11.83
N LYS C 227 7.44 -31.56 -12.75
CA LYS C 227 8.54 -31.57 -13.71
C LYS C 227 9.84 -31.18 -13.02
N TYR C 228 9.76 -30.17 -12.14
CA TYR C 228 10.92 -29.69 -11.41
C TYR C 228 11.50 -30.75 -10.46
N LEU C 229 10.63 -31.49 -9.80
CA LEU C 229 11.03 -32.64 -8.98
C LEU C 229 11.80 -33.68 -9.80
N GLU C 230 11.15 -34.13 -10.89
CA GLU C 230 11.74 -35.06 -11.87
C GLU C 230 13.14 -34.63 -12.34
N GLU C 231 13.24 -33.51 -13.07
CA GLU C 231 14.53 -33.02 -13.60
C GLU C 231 15.61 -32.81 -12.52
N THR C 232 15.19 -32.46 -11.30
CA THR C 232 16.11 -32.26 -10.18
C THR C 232 16.20 -33.50 -9.29
N GLY C 233 15.63 -34.60 -9.75
CA GLY C 233 15.71 -35.89 -9.07
C GLY C 233 15.42 -35.78 -7.59
N ALA C 234 14.35 -35.06 -7.26
CA ALA C 234 13.98 -34.81 -5.87
C ALA C 234 12.62 -35.40 -5.54
N SER C 235 12.45 -35.78 -4.28
CA SER C 235 11.14 -36.08 -3.74
C SER C 235 10.66 -34.85 -2.98
N ALA C 236 9.34 -34.65 -2.95
CA ALA C 236 8.75 -33.58 -2.14
C ALA C 236 8.52 -34.12 -0.74
N VAL C 237 8.72 -33.28 0.29
CA VAL C 237 8.48 -33.70 1.68
C VAL C 237 7.07 -34.26 1.80
N PRO C 238 6.92 -35.53 2.19
CA PRO C 238 5.55 -36.10 2.30
C PRO C 238 4.66 -35.27 3.24
N THR C 239 3.38 -35.14 2.91
CA THR C 239 2.48 -34.23 3.61
C THR C 239 2.26 -34.59 5.08
N TRP C 240 2.39 -35.88 5.41
CA TRP C 240 2.21 -36.31 6.79
C TRP C 240 3.29 -35.72 7.72
N ALA C 241 4.41 -35.30 7.14
CA ALA C 241 5.57 -34.78 7.89
C ALA C 241 5.38 -33.42 8.56
N PHE C 242 4.55 -32.57 7.98
CA PHE C 242 4.22 -31.28 8.57
C PHE C 242 3.21 -31.45 9.70
N LYS C 243 3.49 -30.85 10.85
CA LYS C 243 2.61 -30.89 12.01
C LYS C 243 2.14 -29.49 12.39
N VAL C 244 0.83 -29.36 12.60
CA VAL C 244 0.21 -28.09 12.98
C VAL C 244 0.66 -27.68 14.39
N ARG C 245 1.49 -26.65 14.49
CA ARG C 245 1.83 -26.06 15.77
C ARG C 245 0.65 -25.26 16.34
N PRO C 246 0.26 -25.54 17.60
CA PRO C 246 -0.70 -24.72 18.34
C PRO C 246 -0.24 -23.26 18.36
N PRO C 247 -1.18 -22.32 18.10
CA PRO C 247 -0.86 -20.92 18.37
C PRO C 247 -0.52 -20.79 19.84
N HIS C 248 0.33 -19.83 20.17
CA HIS C 248 0.78 -19.63 21.54
C HIS C 248 -0.31 -18.98 22.36
N SER C 249 -0.14 -18.98 23.68
CA SER C 249 -1.14 -18.51 24.63
C SER C 249 -0.72 -17.28 25.44
N PHE C 250 0.22 -16.50 24.90
CA PHE C 250 0.57 -15.21 25.45
C PHE C 250 -0.57 -14.20 25.22
N LEU C 251 -0.88 -13.41 26.25
CA LEU C 251 -1.83 -12.31 26.14
C LEU C 251 -1.17 -10.97 26.39
N VAL C 252 -1.67 -9.95 25.69
CA VAL C 252 -1.22 -8.57 25.83
C VAL C 252 -1.15 -8.22 27.32
N ASN C 253 -0.04 -7.59 27.71
CA ASN C 253 0.24 -7.09 29.09
C ASN C 253 0.87 -8.06 30.08
N MET C 254 1.04 -9.31 29.65
CA MET C 254 1.89 -10.26 30.40
C MET C 254 3.34 -9.78 30.34
N LYS C 255 4.03 -9.92 31.45
CA LYS C 255 5.41 -9.43 31.54
C LYS C 255 6.40 -10.59 31.47
N LEU C 256 7.62 -10.30 31.03
CA LEU C 256 8.67 -11.31 30.84
C LEU C 256 10.03 -10.67 30.67
N GLU C 257 11.02 -11.50 30.37
CA GLU C 257 12.39 -11.06 30.19
C GLU C 257 12.79 -11.30 28.74
N ALA C 258 13.31 -10.25 28.09
CA ALA C 258 13.78 -10.34 26.68
C ALA C 258 15.16 -9.71 26.49
N VAL C 259 15.99 -10.32 25.66
CA VAL C 259 17.28 -9.76 25.28
C VAL C 259 17.01 -8.45 24.53
N ASP C 260 17.81 -7.41 24.80
CA ASP C 260 17.76 -6.16 24.02
C ASP C 260 18.48 -6.31 22.70
N ARG C 261 17.82 -5.98 21.60
CA ARG C 261 18.47 -6.08 20.29
C ARG C 261 19.44 -4.92 20.01
N ARG C 262 19.26 -3.80 20.70
CA ARG C 262 20.19 -2.67 20.55
C ARG C 262 21.55 -3.09 21.11
N ASN C 263 21.57 -3.67 22.33
CA ASN C 263 22.78 -4.20 22.96
C ASN C 263 22.53 -5.60 23.53
N PRO C 264 22.74 -6.65 22.71
CA PRO C 264 22.40 -8.04 23.13
C PRO C 264 23.04 -8.55 24.42
N ALA C 265 23.99 -7.81 24.99
CA ALA C 265 24.54 -8.15 26.29
C ALA C 265 23.48 -8.00 27.37
N LEU C 266 22.44 -7.23 27.06
CA LEU C 266 21.45 -6.80 28.04
C LEU C 266 20.13 -7.57 27.95
N ILE C 267 19.57 -7.91 29.10
CA ILE C 267 18.24 -8.46 29.16
C ILE C 267 17.40 -7.54 30.04
N ARG C 268 16.17 -7.29 29.59
CA ARG C 268 15.30 -6.31 30.23
C ARG C 268 13.94 -6.88 30.60
N VAL C 269 13.29 -6.20 31.53
CA VAL C 269 11.91 -6.44 31.87
C VAL C 269 11.05 -6.00 30.68
N ALA C 270 10.11 -6.85 30.28
CA ALA C 270 9.33 -6.56 29.09
C ALA C 270 7.87 -6.97 29.19
N SER C 271 7.09 -6.47 28.24
CA SER C 271 5.66 -6.70 28.20
C SER C 271 5.22 -7.15 26.82
N VAL C 272 4.21 -8.01 26.79
CA VAL C 272 3.56 -8.31 25.52
C VAL C 272 2.71 -7.12 25.04
N GLU C 273 3.18 -6.43 24.01
CA GLU C 273 2.49 -5.28 23.48
C GLU C 273 1.33 -5.72 22.59
N ASP C 274 1.55 -6.77 21.81
CA ASP C 274 0.58 -7.25 20.81
C ASP C 274 0.86 -8.72 20.49
N VAL C 275 -0.12 -9.38 19.86
CA VAL C 275 -0.03 -10.81 19.61
C VAL C 275 -0.46 -11.16 18.19
N GLU C 276 0.21 -12.14 17.61
CA GLU C 276 -0.27 -12.81 16.41
C GLU C 276 -0.45 -14.28 16.76
N ASP C 277 -0.62 -15.13 15.77
CA ASP C 277 -0.75 -16.55 16.05
C ASP C 277 0.53 -17.14 16.64
N HIS C 278 1.69 -16.74 16.11
CA HIS C 278 2.96 -17.37 16.46
C HIS C 278 4.07 -16.38 16.80
N ARG C 279 3.71 -15.10 16.84
CA ARG C 279 4.64 -14.04 17.21
C ARG C 279 4.05 -13.20 18.34
N ILE C 280 4.93 -12.56 19.10
CA ILE C 280 4.51 -11.54 20.04
C ILE C 280 5.28 -10.25 19.76
N LYS C 281 4.70 -9.11 20.10
CA LYS C 281 5.41 -7.83 19.94
C LYS C 281 5.92 -7.39 21.30
N ILE C 282 7.23 -7.28 21.44
CA ILE C 282 7.82 -6.94 22.74
C ILE C 282 7.85 -5.43 22.94
N HIS C 283 7.55 -5.02 24.17
CA HIS C 283 7.82 -3.67 24.63
C HIS C 283 8.68 -3.72 25.90
N PHE C 284 9.69 -2.85 25.95
CA PHE C 284 10.49 -2.69 27.17
C PHE C 284 9.88 -1.64 28.10
N ASP C 285 9.36 -2.09 29.24
CA ASP C 285 8.75 -1.19 30.23
C ASP C 285 9.61 0.02 30.55
N GLY C 286 9.00 1.20 30.43
CA GLY C 286 9.65 2.48 30.77
C GLY C 286 10.57 3.06 29.71
N TRP C 287 10.44 2.55 28.49
CA TRP C 287 11.15 3.06 27.32
C TRP C 287 10.12 3.39 26.26
N SER C 288 10.61 3.87 25.11
CA SER C 288 9.74 4.23 23.99
C SER C 288 9.15 3.02 23.29
N HIS C 289 7.88 3.14 22.89
CA HIS C 289 7.23 2.17 22.03
C HIS C 289 7.89 2.10 20.65
N GLY C 290 8.77 3.06 20.35
CA GLY C 290 9.56 3.02 19.12
C GLY C 290 10.62 1.92 19.10
N TYR C 291 10.96 1.39 20.27
CA TYR C 291 11.88 0.27 20.38
C TYR C 291 11.16 -1.09 20.39
N ASP C 292 9.84 -1.07 20.27
CA ASP C 292 9.05 -2.29 20.14
C ASP C 292 9.38 -3.09 18.88
N PHE C 293 9.39 -4.42 19.02
CA PHE C 293 9.77 -5.34 17.93
C PHE C 293 8.99 -6.67 18.03
N TRP C 294 8.62 -7.21 16.87
CA TRP C 294 7.98 -8.52 16.77
C TRP C 294 9.01 -9.64 16.81
N ILE C 295 8.60 -10.78 17.32
CA ILE C 295 9.52 -11.91 17.57
C ILE C 295 8.66 -13.17 17.61
N ASP C 296 9.23 -14.31 17.24
CA ASP C 296 8.47 -15.58 17.35
C ASP C 296 8.40 -15.97 18.82
N ALA C 297 7.29 -16.60 19.19
CA ALA C 297 7.09 -17.08 20.56
C ALA C 297 8.17 -18.08 21.03
N ASP C 298 8.83 -18.74 20.09
CA ASP C 298 9.76 -19.83 20.40
C ASP C 298 11.23 -19.42 20.27
N HIS C 299 11.48 -18.12 20.20
CA HIS C 299 12.81 -17.56 20.03
C HIS C 299 13.64 -17.80 21.29
N PRO C 300 14.93 -18.16 21.13
CA PRO C 300 15.83 -18.40 22.26
C PRO C 300 16.07 -17.19 23.19
N ASP C 301 15.64 -16.00 22.78
CA ASP C 301 15.97 -14.81 23.55
C ASP C 301 14.85 -14.20 24.33
N ILE C 302 13.77 -14.95 24.52
CA ILE C 302 12.75 -14.54 25.50
C ILE C 302 12.62 -15.61 26.61
N HIS C 303 12.33 -15.18 27.82
CA HIS C 303 12.33 -16.08 28.99
C HIS C 303 11.31 -15.57 29.99
N PRO C 304 10.83 -16.47 30.87
CA PRO C 304 9.90 -16.04 31.89
C PRO C 304 10.53 -15.17 32.98
N ALA C 305 9.70 -14.44 33.72
CA ALA C 305 10.16 -13.75 34.92
C ALA C 305 10.95 -14.72 35.80
N GLY C 306 12.16 -14.32 36.16
CA GLY C 306 12.97 -15.05 37.15
C GLY C 306 14.18 -15.67 36.51
N TRP C 307 14.18 -15.75 35.18
CA TRP C 307 15.20 -16.46 34.44
C TRP C 307 16.60 -15.92 34.76
N CYS C 308 16.81 -14.63 34.54
CA CYS C 308 18.09 -13.98 34.83
C CYS C 308 18.57 -14.29 36.21
N SER C 309 17.72 -13.94 37.16
CA SER C 309 17.98 -14.07 38.58
C SER C 309 18.46 -15.50 38.92
N LYS C 310 17.73 -16.50 38.45
CA LYS C 310 18.05 -17.89 38.77
C LYS C 310 19.27 -18.42 38.01
N THR C 311 19.63 -17.78 36.91
CA THR C 311 20.77 -18.23 36.12
C THR C 311 22.02 -17.41 36.38
N GLY C 312 21.86 -16.26 37.04
CA GLY C 312 22.99 -15.40 37.38
C GLY C 312 23.27 -14.22 36.46
N HIS C 313 22.43 -14.03 35.44
CA HIS C 313 22.55 -12.92 34.49
C HIS C 313 21.86 -11.65 35.03
N PRO C 314 22.56 -10.50 34.97
CA PRO C 314 21.94 -9.22 35.36
C PRO C 314 20.64 -8.97 34.63
N LEU C 315 19.63 -8.52 35.38
CA LEU C 315 18.37 -8.10 34.79
C LEU C 315 18.24 -6.57 34.86
N GLN C 316 18.07 -5.92 33.70
CA GLN C 316 17.80 -4.47 33.69
C GLN C 316 16.39 -4.20 34.20
N PRO C 317 16.26 -3.37 35.26
CA PRO C 317 14.92 -2.99 35.70
C PRO C 317 14.29 -1.96 34.75
N PRO C 318 12.95 -1.80 34.80
CA PRO C 318 12.32 -0.71 34.05
C PRO C 318 12.96 0.62 34.39
N LEU C 319 13.05 1.48 33.39
CA LEU C 319 13.64 2.80 33.55
C LEU C 319 12.76 3.77 34.37
N GLY C 320 13.39 4.59 35.21
CA GLY C 320 12.69 5.60 35.99
C GLY C 320 12.26 6.80 35.16
#